data_6ETY
#
_entry.id   6ETY
#
_cell.length_a   101.646
_cell.length_b   130.720
_cell.length_c   158.234
_cell.angle_alpha   90.00
_cell.angle_beta   90.00
_cell.angle_gamma   90.00
#
_symmetry.space_group_name_H-M   'I 2 2 2'
#
loop_
_entity.id
_entity.type
_entity.pdbx_description
1 polymer 'Glutamate carboxypeptidase 2'
2 branched 2-acetamido-2-deoxy-beta-D-glucopyranose-(1-4)-2-acetamido-2-deoxy-beta-D-glucopyranose
3 branched beta-D-mannopyranose-(1-4)-2-acetamido-2-deoxy-beta-D-glucopyranose-(1-4)-2-acetamido-2-deoxy-beta-D-glucopyranose
4 branched alpha-D-mannopyranose-(1-3)-[alpha-D-mannopyranose-(1-6)]beta-D-mannopyranose-(1-4)-2-acetamido-2-deoxy-beta-D-glucopyranose-(1-4)-2-acetamido-2-deoxy-beta-D-glucopyranose
5 non-polymer 2-acetamido-2-deoxy-beta-D-glucopyranose
6 non-polymer 'ZINC ION'
7 non-polymer 'CALCIUM ION'
8 non-polymer 'CHLORIDE ION'
9 non-polymer '(2~{S})-2-[[(2~{R})-4-methyl-1-oxidanyl-1-oxidanylidene-pentan-2-yl]carbamoyloxy]pentanedioic acid'
10 water water
#
_entity_poly.entity_id   1
_entity_poly.type   'polypeptide(L)'
_entity_poly.pdbx_seq_one_letter_code
;KSSNEATNITPKHNMKAFLDELKAENIKKFLYNFTQIPHLAGTEQNFQLAKQIQSQWKEFGLDSVELAHYDVLLSYPNKT
HPNYISIINEDGNEIFNTSLFEPPPPGYENVSDIVPPFSAFSPQGMPEGDLVYVNYARTEDFFKLERDMKINCSGKIVIA
RYGKVFRGNKVKNAQLAGAKGVILYSDPADYFAPGVKSYPDGWNLPGGGVQRGNILNLNGAGDPLTPGYPANEYAYRRGI
AEAVGLPSIPVHPIGYYDAQKLLEKMGGSAPPDSSWRGSLKVPYNVGPGFTGNFSTQKVKMHIHSTNEVTRIYNVIGTLR
GAVEPDRYVILGGHRDSWVFGGIDPQSGAAVVHEIVRSFGTLKKEGWRPRRTILFASWDAEEFGLLGSTEWAEENSRLLQ
ERGVAYINADSSIEGNYTLRVDCTPLMYSLVHNLTKELKSPDEGFEGKSLYESWTKKSPSPEFSGMPRISKLGSGNDFEV
FFQRLGIASGRARYTKNWETNKFSGYPLYHSVYETYELVEKFYDPMFKYHLTVAQVRGGMVFELANSIVLPFDCRDYAVV
LRKYADKIYSISMKHPQEMKTYSVSFDSLFSAVKNFTEIASKFSERLQDFDKSNPIVLRMMNDQLMFLERAFIDPLGLPD
RPFYRHVIYAPSSHNKYAGESFPGIYDALFDIESKVDPSKAWGEVKRQIYVAAFTVQAAAETLSEVA
;
_entity_poly.pdbx_strand_id   A
#
# COMPACT_ATOMS: atom_id res chain seq x y z
N LYS A 12 -28.95 4.66 24.31
CA LYS A 12 -28.78 3.27 23.79
C LYS A 12 -27.41 3.04 23.12
N HIS A 13 -27.10 1.77 22.84
CA HIS A 13 -25.81 1.37 22.29
C HIS A 13 -25.93 1.03 20.81
N ASN A 14 -25.77 2.06 19.97
CA ASN A 14 -25.89 1.92 18.52
C ASN A 14 -24.69 2.61 17.85
N MET A 15 -24.73 2.73 16.53
CA MET A 15 -23.55 3.30 15.86
C MET A 15 -23.37 4.77 16.27
N LYS A 16 -24.46 5.51 16.43
CA LYS A 16 -24.37 6.91 16.81
C LYS A 16 -23.66 7.09 18.16
N ALA A 17 -23.92 6.21 19.13
CA ALA A 17 -23.25 6.28 20.44
C ALA A 17 -21.74 6.07 20.27
N PHE A 18 -21.37 5.06 19.46
CA PHE A 18 -19.97 4.83 19.13
C PHE A 18 -19.32 6.08 18.51
N LEU A 19 -19.95 6.61 17.47
CA LEU A 19 -19.38 7.73 16.72
C LEU A 19 -19.27 9.02 17.54
N ASP A 20 -20.26 9.24 18.40
CA ASP A 20 -20.27 10.45 19.26
C ASP A 20 -19.20 10.43 20.34
N GLU A 21 -18.72 9.24 20.70
CA GLU A 21 -17.71 9.12 21.73
C GLU A 21 -16.30 9.49 21.22
N LEU A 22 -16.08 9.34 19.91
CA LEU A 22 -14.80 9.73 19.24
C LEU A 22 -14.56 11.24 19.40
N LYS A 23 -13.35 11.63 19.84
CA LYS A 23 -13.04 13.05 20.03
C LYS A 23 -11.75 13.47 19.32
N ALA A 24 -11.82 14.57 18.56
CA ALA A 24 -10.66 15.21 17.92
C ALA A 24 -9.52 15.44 18.89
N GLU A 25 -9.84 15.92 20.09
CA GLU A 25 -8.82 16.24 21.09
C GLU A 25 -8.05 15.01 21.56
N ASN A 26 -8.72 13.86 21.63
CA ASN A 26 -8.01 12.63 22.00
C ASN A 26 -7.05 12.20 20.90
N ILE A 27 -7.48 12.27 19.64
CA ILE A 27 -6.64 11.92 18.48
C ILE A 27 -5.35 12.79 18.51
N LYS A 28 -5.55 14.09 18.78
CA LYS A 28 -4.43 15.03 18.89
C LYS A 28 -3.47 14.60 20.00
N LYS A 29 -4.01 14.34 21.19
CA LYS A 29 -3.17 13.89 22.32
C LYS A 29 -2.39 12.63 22.00
N PHE A 30 -3.05 11.69 21.35
CA PHE A 30 -2.38 10.45 20.95
C PHE A 30 -1.29 10.65 19.90
N LEU A 31 -1.55 11.51 18.91
CA LEU A 31 -0.56 11.76 17.87
C LEU A 31 0.66 12.39 18.50
N TYR A 32 0.48 13.37 19.38
CA TYR A 32 1.63 13.96 20.04
C TYR A 32 2.43 12.87 20.79
N ASN A 33 1.71 12.02 21.52
CA ASN A 33 2.33 10.96 22.32
C ASN A 33 3.15 9.98 21.51
N PHE A 34 2.71 9.73 20.27
CA PHE A 34 3.34 8.71 19.44
C PHE A 34 4.48 9.23 18.56
N THR A 35 4.80 10.54 18.63
CA THR A 35 5.70 11.09 17.60
C THR A 35 6.87 11.88 18.20
N GLN A 36 7.16 11.68 19.48
CA GLN A 36 8.23 12.47 20.14
C GLN A 36 9.62 11.91 19.88
N ILE A 37 9.70 10.59 19.61
CA ILE A 37 10.96 9.89 19.40
C ILE A 37 10.79 8.98 18.20
N PRO A 38 11.89 8.58 17.53
CA PRO A 38 11.71 7.64 16.38
C PRO A 38 11.23 6.26 16.87
N HIS A 39 10.43 5.56 16.05
CA HIS A 39 9.98 4.20 16.36
C HIS A 39 10.33 3.23 15.20
N LEU A 40 11.62 3.19 14.84
CA LEU A 40 12.05 2.34 13.72
C LEU A 40 11.87 0.85 14.07
N ALA A 41 11.36 0.06 13.11
CA ALA A 41 11.19 -1.37 13.40
C ALA A 41 12.49 -2.01 13.88
N GLY A 42 12.32 -2.89 14.89
CA GLY A 42 13.42 -3.66 15.44
C GLY A 42 14.20 -2.92 16.50
N THR A 43 13.85 -1.67 16.79
CA THR A 43 14.54 -0.89 17.83
C THR A 43 13.84 -0.98 19.18
N GLU A 44 14.60 -0.74 20.25
CA GLU A 44 14.05 -0.71 21.57
C GLU A 44 12.87 0.29 21.75
N GLN A 45 12.97 1.48 21.14
CA GLN A 45 11.93 2.50 21.27
C GLN A 45 10.60 1.98 20.71
N ASN A 46 10.69 1.24 19.61
CA ASN A 46 9.47 0.67 19.02
C ASN A 46 8.84 -0.47 19.86
N PHE A 47 9.68 -1.28 20.51
CA PHE A 47 9.21 -2.29 21.47
C PHE A 47 8.55 -1.60 22.67
N GLN A 48 9.17 -0.52 23.18
CA GLN A 48 8.55 0.19 24.28
C GLN A 48 7.17 0.76 23.92
N LEU A 49 7.01 1.27 22.70
CA LEU A 49 5.70 1.78 22.30
C LEU A 49 4.69 0.62 22.18
N ALA A 50 5.14 -0.52 21.63
CA ALA A 50 4.27 -1.73 21.58
C ALA A 50 3.72 -2.09 22.98
N LYS A 51 4.60 -2.07 23.97
CA LYS A 51 4.20 -2.36 25.34
C LYS A 51 3.22 -1.34 25.91
N GLN A 52 3.44 -0.05 25.55
CA GLN A 52 2.52 1.01 25.97
C GLN A 52 1.13 0.80 25.36
N ILE A 53 1.06 0.50 24.07
N ILE A 53 1.10 0.51 24.05
CA ILE A 53 -0.24 0.35 23.42
CA ILE A 53 -0.16 0.28 23.33
C ILE A 53 -0.94 -0.92 23.92
C ILE A 53 -0.89 -0.88 23.99
N GLN A 54 -0.17 -1.97 24.21
CA GLN A 54 -0.75 -3.18 24.83
C GLN A 54 -1.43 -2.82 26.18
N SER A 55 -0.70 -2.08 27.02
N SER A 55 -0.71 -2.07 27.04
CA SER A 55 -1.23 -1.69 28.34
CA SER A 55 -1.23 -1.68 28.35
C SER A 55 -2.49 -0.83 28.21
C SER A 55 -2.46 -0.78 28.26
N GLN A 56 -2.43 0.18 27.32
CA GLN A 56 -3.55 1.09 27.11
C GLN A 56 -4.78 0.39 26.54
N TRP A 57 -4.59 -0.47 25.54
CA TRP A 57 -5.72 -1.23 25.05
C TRP A 57 -6.40 -2.09 26.10
N LYS A 58 -5.63 -2.66 27.03
CA LYS A 58 -6.20 -3.43 28.16
C LYS A 58 -7.01 -2.48 29.05
N GLU A 59 -6.44 -1.33 29.37
CA GLU A 59 -7.11 -0.33 30.21
C GLU A 59 -8.37 0.21 29.50
N PHE A 60 -8.32 0.33 28.18
CA PHE A 60 -9.47 0.79 27.40
C PHE A 60 -10.66 -0.19 27.43
N GLY A 61 -10.39 -1.45 27.77
CA GLY A 61 -11.47 -2.42 28.01
C GLY A 61 -11.47 -3.65 27.12
N LEU A 62 -10.44 -3.85 26.29
CA LEU A 62 -10.42 -5.07 25.43
C LEU A 62 -10.30 -6.35 26.25
N ASP A 63 -10.85 -7.45 25.75
CA ASP A 63 -10.87 -8.73 26.48
C ASP A 63 -9.48 -9.36 26.64
N SER A 64 -8.67 -9.29 25.59
CA SER A 64 -7.28 -9.73 25.73
C SER A 64 -6.42 -8.89 24.78
N VAL A 65 -5.15 -8.69 25.14
CA VAL A 65 -4.25 -7.91 24.29
C VAL A 65 -2.89 -8.59 24.46
N GLU A 66 -2.37 -9.12 23.36
CA GLU A 66 -1.13 -9.90 23.39
C GLU A 66 -0.10 -9.33 22.43
N LEU A 67 1.18 -9.59 22.67
CA LEU A 67 2.17 -9.27 21.64
C LEU A 67 2.42 -10.54 20.84
N ALA A 68 2.49 -10.42 19.52
CA ALA A 68 2.91 -11.56 18.66
C ALA A 68 4.23 -11.13 18.04
N HIS A 69 5.29 -11.87 18.36
CA HIS A 69 6.65 -11.51 17.89
C HIS A 69 7.16 -12.51 16.85
N TYR A 70 8.05 -12.03 15.97
CA TYR A 70 8.66 -12.83 14.88
C TYR A 70 10.07 -12.35 14.73
N ASP A 71 10.93 -13.17 14.14
CA ASP A 71 12.34 -12.74 13.90
C ASP A 71 12.55 -12.74 12.39
N VAL A 72 12.66 -11.53 11.82
CA VAL A 72 12.55 -11.32 10.35
C VAL A 72 13.82 -10.62 9.86
N LEU A 73 14.07 -10.70 8.57
CA LEU A 73 15.20 -9.97 8.04
C LEU A 73 14.88 -8.47 7.92
N LEU A 74 15.71 -7.64 8.55
CA LEU A 74 15.58 -6.14 8.47
C LEU A 74 16.90 -5.63 7.90
N SER A 75 17.01 -4.31 7.70
CA SER A 75 18.22 -3.75 7.08
C SER A 75 18.51 -2.39 7.70
N TYR A 76 19.78 -2.11 8.04
CA TYR A 76 20.14 -0.84 8.66
C TYR A 76 21.48 -0.34 8.15
N PRO A 77 21.64 1.00 8.09
CA PRO A 77 23.01 1.52 7.75
C PRO A 77 24.01 1.15 8.81
N ASN A 78 25.29 1.16 8.45
CA ASN A 78 26.36 0.94 9.43
C ASN A 78 26.68 2.30 10.08
N LYS A 79 26.50 2.38 11.39
CA LYS A 79 26.68 3.63 12.18
C LYS A 79 28.09 4.22 12.08
N THR A 80 29.08 3.37 11.89
CA THR A 80 30.47 3.83 11.84
C THR A 80 31.11 3.74 10.44
N HIS A 81 30.28 3.55 9.41
CA HIS A 81 30.75 3.43 8.04
C HIS A 81 29.61 3.97 7.13
N PRO A 82 29.42 5.30 7.09
CA PRO A 82 28.18 5.87 6.49
C PRO A 82 28.10 5.70 4.97
N ASN A 83 26.86 5.61 4.47
CA ASN A 83 26.60 5.54 3.04
C ASN A 83 26.69 6.93 2.43
N TYR A 84 27.25 7.02 1.23
CA TYR A 84 27.24 8.31 0.50
C TYR A 84 27.64 8.06 -0.95
N ILE A 85 27.45 9.09 -1.77
CA ILE A 85 27.76 9.05 -3.19
C ILE A 85 28.77 10.17 -3.46
N SER A 86 29.69 9.89 -4.37
N SER A 86 29.72 9.91 -4.36
CA SER A 86 30.66 10.89 -4.81
CA SER A 86 30.74 10.90 -4.74
C SER A 86 30.69 11.09 -6.32
C SER A 86 30.92 11.02 -6.25
N ILE A 87 31.24 12.24 -6.72
CA ILE A 87 31.79 12.41 -8.06
C ILE A 87 33.32 12.33 -7.81
N ILE A 88 33.96 11.44 -8.54
CA ILE A 88 35.41 11.25 -8.43
C ILE A 88 36.06 11.74 -9.72
N ASN A 89 37.22 12.39 -9.60
CA ASN A 89 37.98 12.78 -10.81
C ASN A 89 38.85 11.60 -11.29
N GLU A 90 39.60 11.80 -12.39
CA GLU A 90 40.47 10.75 -12.97
C GLU A 90 41.61 10.29 -12.05
N ASP A 91 41.98 11.12 -11.07
CA ASP A 91 42.97 10.77 -10.04
C ASP A 91 42.39 9.89 -8.93
N GLY A 92 41.07 9.76 -8.89
CA GLY A 92 40.38 9.09 -7.81
C GLY A 92 40.22 9.96 -6.56
N ASN A 93 40.22 11.27 -6.73
CA ASN A 93 39.83 12.17 -5.64
C ASN A 93 38.32 12.39 -5.67
N GLU A 94 37.72 12.34 -4.49
CA GLU A 94 36.27 12.56 -4.36
C GLU A 94 36.02 14.06 -4.21
N ILE A 95 35.57 14.67 -5.30
CA ILE A 95 35.41 16.13 -5.41
C ILE A 95 34.07 16.68 -4.95
N PHE A 96 33.08 15.78 -4.81
CA PHE A 96 31.79 16.14 -4.28
C PHE A 96 31.26 14.91 -3.54
N ASN A 97 30.73 15.09 -2.33
CA ASN A 97 30.04 14.02 -1.57
C ASN A 97 28.61 14.43 -1.22
N THR A 98 27.67 13.48 -1.34
CA THR A 98 26.30 13.72 -0.91
C THR A 98 26.26 13.78 0.64
N SER A 99 25.16 14.30 1.17
N SER A 99 25.17 14.34 1.19
CA SER A 99 25.00 14.51 2.62
CA SER A 99 25.07 14.61 2.64
C SER A 99 25.06 13.19 3.38
C SER A 99 24.87 13.34 3.44
N LEU A 100 25.51 13.27 4.62
CA LEU A 100 25.45 12.08 5.50
C LEU A 100 24.17 12.00 6.33
N PHE A 101 23.37 13.06 6.36
CA PHE A 101 22.13 13.09 7.15
C PHE A 101 21.28 14.25 6.67
N GLU A 102 19.98 14.23 6.97
CA GLU A 102 19.11 15.39 6.71
C GLU A 102 19.27 16.38 7.88
N PRO A 103 19.36 17.69 7.59
CA PRO A 103 19.38 18.65 8.72
C PRO A 103 18.14 18.46 9.63
N PRO A 104 18.33 18.17 10.93
CA PRO A 104 17.15 17.86 11.71
C PRO A 104 16.25 19.09 11.94
N PRO A 105 14.93 18.86 12.10
CA PRO A 105 13.99 19.97 12.30
C PRO A 105 14.16 20.71 13.64
N PRO A 106 13.67 21.96 13.71
CA PRO A 106 13.86 22.78 14.90
C PRO A 106 13.43 22.09 16.21
N GLY A 107 14.32 22.07 17.20
CA GLY A 107 14.02 21.51 18.51
C GLY A 107 14.17 19.99 18.62
N TYR A 108 14.56 19.36 17.51
CA TYR A 108 14.87 17.90 17.43
C TYR A 108 16.31 17.67 17.04
N GLU A 109 17.11 18.73 16.94
CA GLU A 109 18.53 18.58 16.55
C GLU A 109 19.36 17.74 17.58
N ASN A 110 18.78 17.47 18.76
CA ASN A 110 19.43 16.63 19.81
C ASN A 110 18.72 15.26 20.02
N VAL A 111 17.75 14.95 19.18
CA VAL A 111 17.15 13.64 19.24
C VAL A 111 18.19 12.60 18.75
N SER A 112 18.36 11.55 19.55
N SER A 112 18.35 11.55 19.55
CA SER A 112 19.22 10.44 19.23
CA SER A 112 19.23 10.44 19.22
C SER A 112 18.52 9.45 18.29
C SER A 112 18.52 9.45 18.28
N ASP A 113 19.35 8.67 17.59
CA ASP A 113 18.93 7.51 16.81
C ASP A 113 18.05 7.87 15.63
N ILE A 114 18.26 9.02 14.99
CA ILE A 114 17.56 9.26 13.71
C ILE A 114 18.32 8.47 12.66
N VAL A 115 17.67 7.47 12.04
CA VAL A 115 18.34 6.69 11.01
C VAL A 115 18.61 7.60 9.79
N PRO A 116 19.88 7.63 9.31
CA PRO A 116 20.09 8.48 8.10
C PRO A 116 19.39 7.91 6.87
N PRO A 117 19.19 8.75 5.84
CA PRO A 117 18.52 8.23 4.64
C PRO A 117 19.28 7.06 4.05
N PHE A 118 18.54 6.03 3.67
CA PHE A 118 19.13 4.82 3.03
C PHE A 118 18.01 4.09 2.36
N SER A 119 18.39 3.20 1.45
CA SER A 119 17.40 2.32 0.79
C SER A 119 17.51 0.96 1.49
N ALA A 120 16.48 0.59 2.25
CA ALA A 120 16.53 -0.67 3.01
C ALA A 120 16.58 -1.85 2.08
N PHE A 121 17.52 -2.73 2.40
CA PHE A 121 17.88 -4.02 1.76
C PHE A 121 18.82 -3.86 0.58
N SER A 122 19.33 -2.65 0.34
CA SER A 122 20.41 -2.51 -0.69
C SER A 122 21.57 -3.49 -0.33
N PRO A 123 22.12 -4.21 -1.33
CA PRO A 123 23.42 -4.87 -1.04
C PRO A 123 24.55 -3.84 -0.81
N GLN A 124 25.67 -4.34 -0.28
CA GLN A 124 26.86 -3.49 -0.11
C GLN A 124 27.56 -3.40 -1.43
N GLY A 125 28.31 -2.33 -1.65
CA GLY A 125 29.12 -2.23 -2.86
C GLY A 125 29.71 -0.84 -2.98
N MET A 126 30.75 -0.72 -3.80
CA MET A 126 31.28 0.58 -4.15
C MET A 126 31.39 0.75 -5.66
N PRO A 127 30.29 0.55 -6.42
CA PRO A 127 30.39 0.66 -7.89
C PRO A 127 30.71 2.10 -8.33
N GLU A 128 31.43 2.20 -9.45
CA GLU A 128 31.94 3.43 -9.99
C GLU A 128 31.68 3.40 -11.48
N GLY A 129 31.03 4.44 -12.02
CA GLY A 129 30.70 4.47 -13.44
C GLY A 129 30.08 5.76 -13.94
N ASP A 130 29.58 5.71 -15.17
CA ASP A 130 28.92 6.85 -15.79
C ASP A 130 27.44 6.79 -15.51
N LEU A 131 26.82 7.96 -15.37
N LEU A 131 26.82 7.95 -15.30
CA LEU A 131 25.41 8.13 -15.04
CA LEU A 131 25.38 8.05 -15.06
C LEU A 131 24.52 8.09 -16.29
C LEU A 131 24.58 7.96 -16.33
N VAL A 132 23.39 7.38 -16.22
CA VAL A 132 22.32 7.51 -17.22
C VAL A 132 21.11 7.98 -16.44
N TYR A 133 20.44 9.03 -16.92
CA TYR A 133 19.20 9.51 -16.32
C TYR A 133 18.00 8.82 -16.97
N VAL A 134 17.15 8.22 -16.12
CA VAL A 134 16.08 7.32 -16.58
C VAL A 134 14.65 7.79 -16.24
N ASN A 135 14.51 9.08 -15.96
CA ASN A 135 13.23 9.68 -15.64
C ASN A 135 12.68 8.99 -14.36
N TYR A 136 11.46 8.45 -14.38
CA TYR A 136 10.91 7.78 -13.20
C TYR A 136 11.29 6.28 -13.13
N ALA A 137 12.13 5.81 -14.06
CA ALA A 137 12.56 4.40 -14.10
C ALA A 137 11.38 3.42 -14.24
N ARG A 138 10.32 3.90 -14.91
CA ARG A 138 9.15 3.07 -15.21
C ARG A 138 9.46 2.12 -16.39
N THR A 139 8.64 1.09 -16.54
CA THR A 139 8.81 0.17 -17.66
C THR A 139 8.86 0.95 -18.99
N GLU A 140 7.96 1.92 -19.14
CA GLU A 140 7.90 2.72 -20.38
C GLU A 140 9.09 3.68 -20.56
N ASP A 141 9.70 4.11 -19.44
CA ASP A 141 10.93 4.94 -19.53
C ASP A 141 12.11 4.11 -20.07
N PHE A 142 12.24 2.87 -19.60
CA PHE A 142 13.28 1.97 -20.09
C PHE A 142 13.01 1.55 -21.55
N PHE A 143 11.74 1.39 -21.91
CA PHE A 143 11.36 1.10 -23.31
C PHE A 143 11.84 2.25 -24.22
N LYS A 144 11.57 3.49 -23.80
CA LYS A 144 11.98 4.68 -24.54
C LYS A 144 13.51 4.76 -24.72
N LEU A 145 14.25 4.52 -23.64
CA LEU A 145 15.72 4.52 -23.66
C LEU A 145 16.32 3.48 -24.58
N GLU A 146 15.94 2.21 -24.40
N GLU A 146 15.88 2.24 -24.43
CA GLU A 146 16.56 1.11 -25.16
CA GLU A 146 16.49 1.10 -25.06
C GLU A 146 16.03 1.06 -26.58
C GLU A 146 15.98 0.77 -26.47
N ARG A 147 14.70 1.07 -26.72
CA ARG A 147 14.06 0.84 -28.03
C ARG A 147 14.08 2.05 -28.95
N ASP A 148 13.77 3.23 -28.44
CA ASP A 148 13.68 4.44 -29.26
C ASP A 148 14.99 5.21 -29.32
N MET A 149 15.65 5.41 -28.17
CA MET A 149 16.85 6.24 -28.12
C MET A 149 18.14 5.45 -28.30
N LYS A 150 18.05 4.13 -28.23
CA LYS A 150 19.18 3.18 -28.37
C LYS A 150 20.30 3.43 -27.34
N ILE A 151 19.91 3.72 -26.09
CA ILE A 151 20.87 3.95 -25.03
C ILE A 151 20.93 2.67 -24.21
N ASN A 152 22.15 2.19 -23.95
CA ASN A 152 22.38 0.94 -23.25
C ASN A 152 22.75 1.24 -21.77
N CYS A 153 21.93 0.76 -20.80
CA CYS A 153 22.24 0.98 -19.38
C CYS A 153 23.20 -0.04 -18.78
N SER A 154 23.60 -1.04 -19.56
CA SER A 154 24.49 -2.08 -19.08
C SER A 154 25.80 -1.51 -18.53
N GLY A 155 26.05 -1.84 -17.26
CA GLY A 155 27.24 -1.36 -16.54
C GLY A 155 27.26 0.11 -16.18
N LYS A 156 26.13 0.81 -16.30
CA LYS A 156 26.00 2.23 -15.94
C LYS A 156 25.38 2.36 -14.55
N ILE A 157 25.58 3.50 -13.90
CA ILE A 157 24.80 3.85 -12.71
C ILE A 157 23.58 4.64 -13.15
N VAL A 158 22.37 4.20 -12.82
CA VAL A 158 21.23 4.98 -13.28
C VAL A 158 20.80 5.95 -12.18
N ILE A 159 20.37 7.13 -12.59
CA ILE A 159 19.75 8.08 -11.66
C ILE A 159 18.30 8.29 -12.08
N ALA A 160 17.39 8.11 -11.10
CA ALA A 160 15.96 8.14 -11.36
C ALA A 160 15.30 9.05 -10.35
N ARG A 161 14.29 9.78 -10.79
CA ARG A 161 13.49 10.54 -9.85
C ARG A 161 12.39 9.69 -9.21
N TYR A 162 12.18 9.91 -7.90
CA TYR A 162 11.07 9.28 -7.20
C TYR A 162 9.75 9.76 -7.81
N GLY A 163 8.72 8.91 -7.72
CA GLY A 163 7.34 9.33 -8.07
C GLY A 163 6.73 8.32 -9.03
N LYS A 164 5.41 8.40 -9.20
CA LYS A 164 4.63 7.60 -10.21
C LYS A 164 4.49 6.13 -9.87
N VAL A 165 5.57 5.48 -9.43
CA VAL A 165 5.52 4.03 -9.16
C VAL A 165 6.35 3.69 -7.92
N PHE A 166 6.04 2.55 -7.32
CA PHE A 166 6.81 2.09 -6.13
C PHE A 166 8.29 1.97 -6.45
N ARG A 167 9.11 2.42 -5.51
CA ARG A 167 10.57 2.42 -5.78
C ARG A 167 11.21 1.06 -6.03
N GLY A 168 10.65 -0.02 -5.44
CA GLY A 168 11.13 -1.37 -5.71
C GLY A 168 10.99 -1.73 -7.22
N ASN A 169 9.89 -1.27 -7.85
CA ASN A 169 9.76 -1.50 -9.30
C ASN A 169 10.83 -0.79 -10.12
N LYS A 170 11.19 0.44 -9.71
CA LYS A 170 12.29 1.14 -10.39
C LYS A 170 13.59 0.34 -10.32
N VAL A 171 13.89 -0.18 -9.13
CA VAL A 171 15.10 -0.94 -8.91
C VAL A 171 15.08 -2.22 -9.75
N LYS A 172 13.96 -2.92 -9.76
CA LYS A 172 13.83 -4.14 -10.58
C LYS A 172 14.09 -3.80 -12.06
N ASN A 173 13.48 -2.70 -12.52
CA ASN A 173 13.60 -2.29 -13.94
C ASN A 173 15.07 -1.96 -14.23
N ALA A 174 15.73 -1.24 -13.33
CA ALA A 174 17.17 -0.87 -13.55
C ALA A 174 18.08 -2.11 -13.59
N GLN A 175 17.84 -3.06 -12.69
N GLN A 175 17.82 -3.07 -12.70
CA GLN A 175 18.59 -4.33 -12.68
CA GLN A 175 18.58 -4.32 -12.62
C GLN A 175 18.42 -5.05 -13.99
C GLN A 175 18.38 -5.21 -13.85
N LEU A 176 17.17 -5.20 -14.41
CA LEU A 176 16.88 -5.90 -15.68
C LEU A 176 17.50 -5.22 -16.90
N ALA A 177 17.70 -3.90 -16.83
CA ALA A 177 18.39 -3.13 -17.87
C ALA A 177 19.92 -3.27 -17.81
N GLY A 178 20.44 -3.93 -16.77
CA GLY A 178 21.88 -4.17 -16.58
C GLY A 178 22.64 -3.08 -15.82
N ALA A 179 21.92 -2.18 -15.14
CA ALA A 179 22.58 -1.14 -14.29
C ALA A 179 23.41 -1.78 -13.19
N LYS A 180 24.49 -1.10 -12.78
CA LYS A 180 25.28 -1.62 -11.68
C LYS A 180 25.06 -0.86 -10.38
N GLY A 181 24.15 0.11 -10.41
CA GLY A 181 23.75 0.88 -9.21
C GLY A 181 22.59 1.80 -9.54
N VAL A 182 21.83 2.23 -8.52
CA VAL A 182 20.70 3.14 -8.74
C VAL A 182 20.79 4.27 -7.71
N ILE A 183 20.63 5.50 -8.18
CA ILE A 183 20.49 6.67 -7.30
C ILE A 183 19.08 7.17 -7.45
N LEU A 184 18.35 7.28 -6.33
CA LEU A 184 16.97 7.77 -6.33
C LEU A 184 16.99 9.19 -5.74
N TYR A 185 16.23 10.10 -6.34
CA TYR A 185 16.18 11.48 -5.77
C TYR A 185 14.77 12.07 -5.86
N SER A 186 14.48 13.07 -5.02
CA SER A 186 13.19 13.76 -5.03
C SER A 186 13.27 15.04 -5.87
N ASP A 187 12.59 15.07 -7.00
CA ASP A 187 12.60 16.28 -7.84
C ASP A 187 11.55 17.27 -7.33
N PRO A 188 11.87 18.59 -7.29
CA PRO A 188 10.85 19.58 -6.91
C PRO A 188 9.61 19.51 -7.80
N ALA A 189 9.72 19.02 -9.04
CA ALA A 189 8.51 18.91 -9.88
C ALA A 189 7.47 18.02 -9.17
N ASP A 190 7.93 17.01 -8.45
CA ASP A 190 7.05 16.02 -7.83
C ASP A 190 6.84 16.25 -6.35
N TYR A 191 7.77 16.95 -5.69
CA TYR A 191 7.74 17.08 -4.23
C TYR A 191 7.79 18.51 -3.70
N PHE A 192 7.52 19.49 -4.55
CA PHE A 192 7.55 20.90 -4.11
C PHE A 192 6.38 21.58 -4.81
N ALA A 193 5.28 21.78 -4.08
CA ALA A 193 4.08 22.41 -4.65
C ALA A 193 4.32 23.92 -4.81
N PRO A 194 4.04 24.48 -6.00
CA PRO A 194 4.29 25.92 -6.22
C PRO A 194 3.55 26.78 -5.19
N GLY A 195 4.24 27.81 -4.68
CA GLY A 195 3.65 28.80 -3.79
C GLY A 195 3.56 28.39 -2.34
N VAL A 196 4.12 27.23 -1.99
CA VAL A 196 4.17 26.78 -0.60
C VAL A 196 5.60 26.79 -0.10
N LYS A 197 5.78 27.12 1.17
CA LYS A 197 7.11 27.16 1.75
C LYS A 197 7.62 25.75 2.17
N SER A 198 8.93 25.59 2.23
CA SER A 198 9.63 24.40 2.78
C SER A 198 9.45 24.31 4.28
N TYR A 199 9.48 23.06 4.81
CA TYR A 199 9.47 22.83 6.24
C TYR A 199 10.71 23.55 6.85
N PRO A 200 10.60 24.25 7.98
CA PRO A 200 9.48 24.25 8.92
C PRO A 200 8.40 25.34 8.69
N ASP A 201 8.51 26.07 7.60
CA ASP A 201 7.62 27.21 7.34
C ASP A 201 6.42 26.84 6.48
N GLY A 202 6.43 25.63 5.94
CA GLY A 202 5.31 25.13 5.15
C GLY A 202 5.48 23.63 5.01
N TRP A 203 4.67 23.01 4.14
CA TRP A 203 4.68 21.55 4.08
C TRP A 203 5.50 21.00 2.90
N ASN A 204 6.29 21.84 2.24
CA ASN A 204 7.14 21.37 1.12
C ASN A 204 8.45 20.73 1.57
N LEU A 205 9.05 19.90 0.70
CA LEU A 205 10.33 19.24 0.95
C LEU A 205 11.46 20.24 0.73
N PRO A 206 12.32 20.45 1.76
CA PRO A 206 13.56 21.22 1.54
C PRO A 206 14.60 20.48 0.71
N GLY A 207 15.60 21.20 0.20
CA GLY A 207 16.57 20.57 -0.69
C GLY A 207 17.47 19.52 -0.07
N GLY A 208 17.56 19.54 1.27
CA GLY A 208 18.28 18.53 2.05
C GLY A 208 17.42 17.38 2.53
N GLY A 209 16.12 17.43 2.26
CA GLY A 209 15.21 16.35 2.69
C GLY A 209 15.35 15.14 1.77
N VAL A 210 15.17 13.94 2.34
CA VAL A 210 15.37 12.71 1.57
C VAL A 210 14.29 11.70 1.96
N GLN A 211 13.75 11.02 0.96
CA GLN A 211 12.72 9.98 1.19
C GLN A 211 13.42 8.64 1.41
N ARG A 212 13.26 8.10 2.63
CA ARG A 212 13.67 6.70 2.92
C ARG A 212 12.68 5.71 2.30
N GLY A 213 13.08 4.43 2.24
CA GLY A 213 12.08 3.40 1.92
C GLY A 213 12.71 2.15 1.38
N ASN A 214 12.04 1.02 1.61
CA ASN A 214 12.62 -0.25 1.13
C ASN A 214 12.48 -0.40 -0.39
N ILE A 215 13.34 -1.26 -0.95
CA ILE A 215 13.42 -1.43 -2.41
C ILE A 215 13.27 -2.92 -2.74
N LEU A 216 12.54 -3.65 -1.89
CA LEU A 216 12.31 -5.11 -2.14
C LEU A 216 11.28 -5.34 -3.26
N ASN A 217 11.34 -6.55 -3.86
CA ASN A 217 10.27 -7.01 -4.76
C ASN A 217 9.77 -8.35 -4.20
N LEU A 218 9.02 -8.27 -3.11
CA LEU A 218 8.55 -9.45 -2.39
C LEU A 218 7.37 -10.18 -3.03
N ASN A 219 6.54 -9.44 -3.80
CA ASN A 219 5.31 -10.02 -4.40
C ASN A 219 4.48 -10.75 -3.38
N GLY A 220 4.36 -10.15 -2.20
CA GLY A 220 3.49 -10.73 -1.17
C GLY A 220 4.11 -11.74 -0.23
N ALA A 221 5.42 -12.02 -0.33
CA ALA A 221 6.00 -13.13 0.42
C ALA A 221 6.16 -12.88 1.92
N GLY A 222 6.23 -11.63 2.33
CA GLY A 222 6.55 -11.38 3.76
C GLY A 222 8.06 -11.42 4.03
N ASP A 223 8.46 -11.88 5.23
CA ASP A 223 9.91 -12.02 5.52
C ASP A 223 10.63 -12.74 4.37
N PRO A 224 11.70 -12.14 3.84
CA PRO A 224 12.41 -12.72 2.72
C PRO A 224 12.94 -14.16 3.01
N LEU A 225 13.17 -14.49 4.29
CA LEU A 225 13.77 -15.80 4.61
C LEU A 225 12.79 -16.94 4.87
N THR A 226 11.49 -16.63 5.06
CA THR A 226 10.51 -17.66 5.46
C THR A 226 9.20 -17.64 4.66
N PRO A 227 9.27 -17.58 3.32
CA PRO A 227 8.02 -17.44 2.56
C PRO A 227 7.08 -18.61 2.79
N GLY A 228 5.83 -18.33 3.15
CA GLY A 228 4.85 -19.42 3.32
C GLY A 228 4.54 -19.71 4.79
N TYR A 229 5.47 -19.40 5.69
CA TYR A 229 5.40 -19.86 7.08
C TYR A 229 5.83 -18.74 8.04
N PRO A 230 5.27 -18.70 9.27
CA PRO A 230 5.67 -17.62 10.17
C PRO A 230 7.13 -17.78 10.68
N ALA A 231 7.79 -16.64 10.79
CA ALA A 231 9.19 -16.56 11.27
C ALA A 231 9.21 -16.66 12.81
N ASN A 232 8.80 -17.82 13.30
CA ASN A 232 8.71 -18.09 14.76
C ASN A 232 10.05 -18.62 15.26
N GLU A 233 10.05 -19.14 16.50
N GLU A 233 10.11 -19.09 16.51
CA GLU A 233 11.27 -19.52 17.20
CA GLU A 233 11.39 -19.48 17.08
C GLU A 233 12.00 -20.77 16.64
C GLU A 233 12.07 -20.65 16.37
N TYR A 234 11.28 -21.62 15.91
CA TYR A 234 11.86 -22.82 15.31
C TYR A 234 11.90 -22.78 13.80
N ALA A 235 11.67 -21.62 13.20
CA ALA A 235 11.55 -21.55 11.74
C ALA A 235 12.84 -21.95 11.05
N TYR A 236 12.79 -22.60 9.90
N TYR A 236 12.63 -22.64 9.92
CA TYR A 236 14.05 -22.93 9.17
CA TYR A 236 13.62 -22.81 8.86
C TYR A 236 14.17 -21.88 8.06
C TYR A 236 13.63 -21.50 8.10
N ARG A 237 15.25 -21.10 8.05
N ARG A 237 14.86 -21.04 7.91
CA ARG A 237 15.39 -19.97 7.12
CA ARG A 237 15.15 -19.83 7.15
C ARG A 237 16.10 -20.35 5.87
C ARG A 237 16.09 -20.11 6.01
N ARG A 238 15.71 -19.68 4.80
CA ARG A 238 16.51 -19.73 3.60
C ARG A 238 17.86 -19.04 3.85
N GLY A 239 18.89 -19.49 3.12
CA GLY A 239 20.13 -18.72 3.09
C GLY A 239 19.90 -17.40 2.35
N ILE A 240 20.74 -16.40 2.60
CA ILE A 240 20.56 -15.08 1.94
C ILE A 240 20.53 -15.20 0.43
N ALA A 241 21.31 -16.14 -0.13
CA ALA A 241 21.34 -16.30 -1.59
C ALA A 241 20.01 -16.76 -2.20
N GLU A 242 19.16 -17.38 -1.38
CA GLU A 242 17.86 -17.89 -1.83
C GLU A 242 16.70 -17.02 -1.28
N ALA A 243 17.04 -15.92 -0.59
CA ALA A 243 16.03 -15.02 0.01
C ALA A 243 15.09 -14.46 -1.07
N VAL A 244 13.86 -14.16 -0.69
CA VAL A 244 12.94 -13.59 -1.67
C VAL A 244 13.09 -12.06 -1.78
N GLY A 245 13.23 -11.57 -3.01
CA GLY A 245 12.97 -10.16 -3.27
C GLY A 245 14.10 -9.14 -3.08
N LEU A 246 15.28 -9.63 -2.72
N LEU A 246 15.29 -9.61 -2.68
CA LEU A 246 16.44 -8.73 -2.48
CA LEU A 246 16.43 -8.68 -2.43
C LEU A 246 16.97 -8.14 -3.80
C LEU A 246 17.09 -8.19 -3.71
N PRO A 247 17.39 -6.87 -3.79
CA PRO A 247 18.02 -6.29 -4.97
C PRO A 247 19.47 -6.79 -5.11
N SER A 248 19.95 -6.84 -6.35
N SER A 248 19.99 -6.86 -6.34
CA SER A 248 21.29 -7.33 -6.68
CA SER A 248 21.38 -7.31 -6.55
C SER A 248 22.33 -6.21 -6.83
C SER A 248 22.33 -6.21 -6.96
N ILE A 249 21.86 -4.96 -6.90
CA ILE A 249 22.73 -3.78 -7.12
C ILE A 249 22.52 -2.73 -6.02
N PRO A 250 23.58 -1.96 -5.70
CA PRO A 250 23.40 -0.97 -4.62
C PRO A 250 22.50 0.20 -5.02
N VAL A 251 21.77 0.71 -4.02
CA VAL A 251 20.76 1.75 -4.21
C VAL A 251 20.84 2.74 -3.04
N HIS A 252 20.69 4.04 -3.34
CA HIS A 252 20.74 5.06 -2.30
C HIS A 252 19.89 6.27 -2.71
N PRO A 253 19.15 6.88 -1.74
CA PRO A 253 18.31 8.05 -2.06
C PRO A 253 19.00 9.36 -1.61
N ILE A 254 18.73 10.43 -2.34
CA ILE A 254 19.30 11.75 -2.06
C ILE A 254 18.26 12.83 -2.28
N GLY A 255 18.54 14.03 -1.74
CA GLY A 255 17.66 15.18 -1.93
C GLY A 255 18.03 15.97 -3.18
N TYR A 256 17.24 17.02 -3.48
CA TYR A 256 17.42 17.73 -4.74
C TYR A 256 18.61 18.70 -4.77
N TYR A 257 19.10 19.16 -3.61
CA TYR A 257 20.41 19.88 -3.63
C TYR A 257 21.52 18.99 -4.16
N ASP A 258 21.62 17.75 -3.63
CA ASP A 258 22.63 16.81 -4.07
C ASP A 258 22.37 16.34 -5.51
N ALA A 259 21.09 16.12 -5.85
CA ALA A 259 20.76 15.66 -7.21
C ALA A 259 21.17 16.69 -8.25
N GLN A 260 20.92 17.96 -7.95
CA GLN A 260 21.36 19.06 -8.82
C GLN A 260 22.87 18.94 -9.15
N LYS A 261 23.69 18.62 -8.14
CA LYS A 261 25.13 18.46 -8.36
C LYS A 261 25.50 17.28 -9.27
N LEU A 262 24.76 16.19 -9.18
CA LEU A 262 25.00 15.02 -10.04
C LEU A 262 24.46 15.21 -11.45
N LEU A 263 23.34 15.94 -11.57
CA LEU A 263 22.71 16.12 -12.87
C LEU A 263 23.25 17.28 -13.72
N GLU A 264 23.86 18.24 -13.07
CA GLU A 264 24.21 19.48 -13.82
C GLU A 264 25.27 19.25 -14.91
N LYS A 265 26.15 18.27 -14.71
CA LYS A 265 27.22 17.96 -15.66
C LYS A 265 26.86 16.93 -16.74
N MET A 266 25.62 16.40 -16.70
CA MET A 266 25.19 15.33 -17.63
C MET A 266 25.23 15.72 -19.12
N GLY A 267 25.80 14.83 -19.93
CA GLY A 267 25.96 15.03 -21.38
C GLY A 267 25.15 13.99 -22.16
N GLY A 268 25.73 13.52 -23.27
CA GLY A 268 25.04 12.56 -24.14
C GLY A 268 23.78 13.17 -24.73
N SER A 269 22.75 12.34 -24.90
CA SER A 269 21.51 12.74 -25.57
C SER A 269 20.66 13.69 -24.75
N ALA A 270 20.01 14.65 -25.41
CA ALA A 270 18.98 15.51 -24.82
C ALA A 270 17.81 14.65 -24.29
N PRO A 271 17.00 15.18 -23.33
CA PRO A 271 15.80 14.41 -22.93
C PRO A 271 14.86 14.27 -24.15
N PRO A 272 14.14 13.13 -24.28
CA PRO A 272 13.36 12.88 -25.52
C PRO A 272 12.16 13.81 -25.68
N ASP A 273 11.65 14.33 -24.56
CA ASP A 273 10.54 15.28 -24.57
C ASP A 273 10.41 15.89 -23.16
N SER A 274 9.47 16.82 -23.02
CA SER A 274 9.24 17.55 -21.77
C SER A 274 8.75 16.72 -20.55
N SER A 275 8.16 15.54 -20.78
CA SER A 275 7.70 14.69 -19.66
C SER A 275 8.91 14.01 -18.96
N TRP A 276 10.11 14.21 -19.51
CA TRP A 276 11.38 13.78 -18.90
C TRP A 276 12.11 14.88 -18.09
N ARG A 277 11.67 16.14 -18.23
N ARG A 277 11.66 16.13 -18.21
CA ARG A 277 12.27 17.26 -17.50
CA ARG A 277 12.29 17.25 -17.49
C ARG A 277 11.52 17.55 -16.21
C ARG A 277 11.52 17.56 -16.21
N GLY A 278 12.24 17.58 -15.09
CA GLY A 278 11.71 18.06 -13.80
C GLY A 278 11.89 19.58 -13.69
N SER A 279 11.98 20.08 -12.46
CA SER A 279 11.98 21.54 -12.18
C SER A 279 13.34 22.12 -11.82
N LEU A 280 14.38 21.30 -11.79
CA LEU A 280 15.72 21.82 -11.47
C LEU A 280 16.28 22.55 -12.68
N LYS A 281 17.24 23.42 -12.43
CA LYS A 281 17.88 24.21 -13.49
C LYS A 281 19.02 23.41 -14.09
N VAL A 282 18.68 22.29 -14.73
CA VAL A 282 19.63 21.42 -15.39
C VAL A 282 19.01 21.02 -16.73
N PRO A 283 19.82 20.52 -17.69
CA PRO A 283 19.19 20.13 -18.99
C PRO A 283 18.31 18.86 -18.94
N TYR A 284 18.56 17.98 -17.97
CA TYR A 284 17.93 16.64 -17.92
C TYR A 284 18.38 15.80 -19.13
N ASN A 285 19.65 15.98 -19.51
CA ASN A 285 20.28 15.09 -20.48
C ASN A 285 20.32 13.66 -19.95
N VAL A 286 20.18 12.72 -20.87
CA VAL A 286 20.04 11.33 -20.50
C VAL A 286 21.40 10.65 -20.29
N GLY A 287 22.45 11.21 -20.88
CA GLY A 287 23.75 10.57 -20.76
C GLY A 287 23.95 9.61 -21.91
N PRO A 288 24.79 8.59 -21.75
CA PRO A 288 25.58 8.33 -20.53
C PRO A 288 26.69 9.32 -20.33
N GLY A 289 27.07 9.50 -19.06
CA GLY A 289 28.25 10.29 -18.68
C GLY A 289 28.03 11.78 -18.74
N PHE A 290 29.11 12.51 -18.41
CA PHE A 290 29.12 13.98 -18.31
C PHE A 290 29.60 14.63 -19.61
N THR A 291 29.33 15.94 -19.76
CA THR A 291 29.78 16.71 -20.97
C THR A 291 31.30 16.82 -21.06
N GLY A 292 31.78 17.15 -22.27
CA GLY A 292 33.20 17.25 -22.63
C GLY A 292 34.26 17.47 -21.58
N ASN A 293 34.19 18.59 -20.86
CA ASN A 293 35.19 18.96 -19.86
C ASN A 293 35.26 17.98 -18.68
N PHE A 294 34.12 17.36 -18.37
CA PHE A 294 34.00 16.52 -17.18
C PHE A 294 33.90 15.02 -17.52
N SER A 295 34.17 14.69 -18.77
CA SER A 295 33.90 13.35 -19.30
C SER A 295 34.75 12.24 -18.68
N THR A 296 35.83 12.62 -17.99
CA THR A 296 36.73 11.69 -17.30
C THR A 296 36.38 11.53 -15.82
N GLN A 297 35.46 12.36 -15.32
CA GLN A 297 34.93 12.18 -13.95
C GLN A 297 33.89 11.09 -13.97
N LYS A 298 33.76 10.40 -12.84
CA LYS A 298 32.76 9.33 -12.71
C LYS A 298 31.98 9.52 -11.43
N VAL A 299 30.93 8.72 -11.28
CA VAL A 299 30.14 8.70 -10.04
C VAL A 299 30.44 7.41 -9.28
N LYS A 300 30.64 7.51 -7.97
CA LYS A 300 30.95 6.35 -7.15
C LYS A 300 30.00 6.27 -5.96
N MET A 301 29.37 5.10 -5.78
CA MET A 301 28.49 4.89 -4.62
C MET A 301 29.29 4.20 -3.52
N HIS A 302 28.94 4.44 -2.25
CA HIS A 302 29.55 3.71 -1.16
C HIS A 302 28.44 3.23 -0.23
N ILE A 303 28.07 1.95 -0.38
CA ILE A 303 26.97 1.40 0.41
C ILE A 303 27.46 0.29 1.32
N HIS A 304 27.21 0.46 2.62
CA HIS A 304 27.70 -0.47 3.66
C HIS A 304 26.63 -0.98 4.61
N SER A 305 25.36 -0.78 4.24
CA SER A 305 24.23 -1.26 5.06
C SER A 305 24.30 -2.80 5.22
N THR A 306 23.70 -3.33 6.31
CA THR A 306 23.71 -4.79 6.52
C THR A 306 22.29 -5.29 6.75
N ASN A 307 22.03 -6.50 6.28
CA ASN A 307 20.75 -7.17 6.56
C ASN A 307 20.95 -8.01 7.82
N GLU A 308 19.95 -8.03 8.69
N GLU A 308 20.03 -7.90 8.77
CA GLU A 308 20.11 -8.58 10.05
CA GLU A 308 20.13 -8.63 10.04
C GLU A 308 18.76 -9.13 10.51
C GLU A 308 18.76 -9.19 10.38
N VAL A 309 18.74 -10.40 10.91
CA VAL A 309 17.49 -10.98 11.45
C VAL A 309 17.23 -10.32 12.82
N THR A 310 16.03 -9.77 13.00
CA THR A 310 15.72 -8.89 14.11
C THR A 310 14.31 -9.15 14.58
N ARG A 311 14.10 -9.07 15.90
CA ARG A 311 12.74 -9.32 16.43
C ARG A 311 11.79 -8.13 16.22
N ILE A 312 10.56 -8.43 15.85
CA ILE A 312 9.51 -7.41 15.67
C ILE A 312 8.29 -7.84 16.48
N TYR A 313 7.40 -6.89 16.78
CA TYR A 313 6.29 -7.16 17.70
C TYR A 313 5.00 -6.56 17.18
N ASN A 314 3.99 -7.39 17.00
CA ASN A 314 2.64 -6.88 16.67
C ASN A 314 1.85 -6.82 17.97
N VAL A 315 0.97 -5.83 18.13
CA VAL A 315 0.02 -5.86 19.28
C VAL A 315 -1.33 -6.32 18.70
N ILE A 316 -1.94 -7.35 19.30
CA ILE A 316 -3.22 -7.91 18.81
C ILE A 316 -4.24 -7.82 19.96
N GLY A 317 -5.26 -7.00 19.76
CA GLY A 317 -6.31 -6.80 20.79
C GLY A 317 -7.59 -7.48 20.35
N THR A 318 -8.31 -8.11 21.27
CA THR A 318 -9.55 -8.86 20.91
C THR A 318 -10.72 -8.27 21.66
N LEU A 319 -11.80 -8.01 20.93
CA LEU A 319 -13.10 -7.71 21.57
C LEU A 319 -14.07 -8.78 21.15
N ARG A 320 -14.33 -9.73 22.06
CA ARG A 320 -15.10 -10.96 21.72
C ARG A 320 -16.56 -10.63 21.36
N GLY A 321 -17.02 -11.18 20.24
CA GLY A 321 -18.43 -11.02 19.83
C GLY A 321 -19.41 -11.76 20.74
N ALA A 322 -20.57 -11.15 20.92
CA ALA A 322 -21.64 -11.69 21.75
C ALA A 322 -22.39 -12.84 21.09
N VAL A 323 -22.52 -12.80 19.75
CA VAL A 323 -23.39 -13.79 19.04
C VAL A 323 -22.58 -14.68 18.11
N GLU A 324 -21.66 -14.07 17.34
CA GLU A 324 -20.77 -14.81 16.42
C GLU A 324 -19.30 -14.55 16.75
N PRO A 325 -18.80 -15.09 17.89
CA PRO A 325 -17.42 -14.84 18.28
C PRO A 325 -16.41 -15.46 17.33
N ASP A 326 -16.86 -16.45 16.53
CA ASP A 326 -16.00 -17.07 15.52
C ASP A 326 -16.06 -16.34 14.14
N ARG A 327 -16.44 -15.06 14.12
CA ARG A 327 -16.39 -14.27 12.90
C ARG A 327 -15.58 -13.03 13.23
N TYR A 328 -14.55 -12.78 12.43
CA TYR A 328 -13.60 -11.71 12.80
C TYR A 328 -13.65 -10.52 11.86
N VAL A 329 -13.81 -9.34 12.44
CA VAL A 329 -13.69 -8.09 11.71
C VAL A 329 -12.39 -7.46 12.23
N ILE A 330 -11.46 -7.14 11.32
CA ILE A 330 -10.12 -6.72 11.76
C ILE A 330 -9.89 -5.27 11.36
N LEU A 331 -9.38 -4.49 12.29
CA LEU A 331 -8.96 -3.10 12.02
C LEU A 331 -7.46 -3.10 12.32
N GLY A 332 -6.65 -2.89 11.28
CA GLY A 332 -5.16 -3.01 11.51
C GLY A 332 -4.44 -1.88 10.85
N GLY A 333 -3.34 -1.44 11.47
CA GLY A 333 -2.46 -0.48 10.82
C GLY A 333 -1.12 -0.56 11.51
N HIS A 334 -0.07 -0.02 10.87
CA HIS A 334 1.26 -0.21 11.47
C HIS A 334 1.67 0.90 12.43
N ARG A 335 2.70 0.57 13.20
CA ARG A 335 3.20 1.40 14.32
C ARG A 335 4.64 1.84 14.03
N ASP A 336 5.38 1.04 13.26
CA ASP A 336 6.81 1.36 13.01
C ASP A 336 6.88 2.54 12.05
N SER A 337 7.92 3.36 12.20
CA SER A 337 8.04 4.54 11.33
C SER A 337 9.50 4.62 10.90
N TRP A 338 9.76 5.39 9.86
CA TRP A 338 11.15 5.64 9.46
C TRP A 338 11.87 6.54 10.46
N VAL A 339 11.28 7.69 10.78
CA VAL A 339 11.79 8.55 11.87
C VAL A 339 10.62 8.82 12.84
N PHE A 340 10.07 10.04 12.90
CA PHE A 340 9.04 10.34 13.91
C PHE A 340 7.65 9.91 13.50
N GLY A 341 7.44 9.68 12.20
CA GLY A 341 6.13 9.15 11.74
C GLY A 341 4.93 10.08 11.99
N GLY A 342 5.15 11.39 11.90
CA GLY A 342 4.07 12.36 12.19
C GLY A 342 2.84 12.14 11.34
N ILE A 343 3.04 11.84 10.05
CA ILE A 343 1.88 11.41 9.24
C ILE A 343 1.91 9.86 9.15
N ASP A 344 3.01 9.31 8.64
CA ASP A 344 3.09 7.87 8.31
C ASP A 344 3.93 7.17 9.41
N PRO A 345 3.34 6.37 10.29
CA PRO A 345 1.91 5.97 10.27
C PRO A 345 1.09 6.59 11.44
N GLN A 346 1.67 7.50 12.23
CA GLN A 346 1.00 7.77 13.53
C GLN A 346 -0.32 8.53 13.42
N SER A 347 -0.51 9.26 12.33
N SER A 347 -0.51 9.27 12.33
CA SER A 347 -1.83 9.85 12.08
CA SER A 347 -1.82 9.83 12.02
C SER A 347 -2.93 8.79 11.88
C SER A 347 -2.89 8.73 12.04
N GLY A 348 -2.53 7.60 11.43
CA GLY A 348 -3.42 6.39 11.40
C GLY A 348 -3.49 5.74 12.78
N ALA A 349 -2.34 5.50 13.40
CA ALA A 349 -2.32 4.80 14.70
C ALA A 349 -3.08 5.52 15.81
N ALA A 350 -3.02 6.87 15.78
CA ALA A 350 -3.73 7.69 16.79
C ALA A 350 -5.23 7.53 16.61
N VAL A 351 -5.65 7.40 15.36
CA VAL A 351 -7.07 7.15 15.04
C VAL A 351 -7.51 5.74 15.51
N VAL A 352 -6.69 4.72 15.24
CA VAL A 352 -6.99 3.38 15.73
C VAL A 352 -7.11 3.42 17.28
N HIS A 353 -6.23 4.16 17.94
CA HIS A 353 -6.17 4.21 19.40
C HIS A 353 -7.48 4.78 19.92
N GLU A 354 -7.97 5.85 19.30
CA GLU A 354 -9.26 6.45 19.69
C GLU A 354 -10.47 5.57 19.39
N ILE A 355 -10.45 4.88 18.25
CA ILE A 355 -11.48 3.85 17.96
C ILE A 355 -11.55 2.75 19.02
N VAL A 356 -10.40 2.22 19.43
CA VAL A 356 -10.35 1.18 20.47
C VAL A 356 -10.93 1.78 21.75
N ARG A 357 -10.49 3.00 22.10
CA ARG A 357 -11.03 3.68 23.29
C ARG A 357 -12.57 3.80 23.28
N SER A 358 -13.15 4.21 22.14
N SER A 358 -13.12 4.17 22.12
CA SER A 358 -14.61 4.33 22.02
CA SER A 358 -14.56 4.34 21.95
C SER A 358 -15.27 2.97 22.16
C SER A 358 -15.35 3.02 22.00
N PHE A 359 -14.82 1.96 21.38
CA PHE A 359 -15.41 0.59 21.51
C PHE A 359 -15.35 0.11 22.96
N GLY A 360 -14.25 0.42 23.64
CA GLY A 360 -14.03 -0.02 25.00
C GLY A 360 -14.98 0.68 25.98
N THR A 361 -15.33 1.93 25.70
CA THR A 361 -16.30 2.66 26.54
C THR A 361 -17.67 1.98 26.46
N LEU A 362 -18.07 1.60 25.27
CA LEU A 362 -19.36 0.92 25.11
C LEU A 362 -19.29 -0.42 25.81
N LYS A 363 -18.16 -1.13 25.68
CA LYS A 363 -18.01 -2.42 26.33
C LYS A 363 -18.13 -2.30 27.86
N LYS A 364 -17.53 -1.26 28.44
CA LYS A 364 -17.62 -1.08 29.91
C LYS A 364 -19.03 -0.82 30.39
N GLU A 365 -19.89 -0.36 29.48
CA GLU A 365 -21.32 -0.16 29.77
C GLU A 365 -22.18 -1.41 29.51
N GLY A 366 -21.55 -2.53 29.17
CA GLY A 366 -22.26 -3.79 28.97
C GLY A 366 -22.50 -4.20 27.53
N TRP A 367 -22.03 -3.41 26.58
CA TRP A 367 -22.29 -3.71 25.18
C TRP A 367 -21.20 -4.66 24.66
N ARG A 368 -21.56 -5.51 23.72
CA ARG A 368 -20.55 -6.22 22.90
C ARG A 368 -21.01 -6.19 21.48
N PRO A 369 -20.06 -6.16 20.51
CA PRO A 369 -20.44 -6.31 19.13
C PRO A 369 -20.96 -7.71 18.86
N ARG A 370 -21.72 -7.84 17.78
CA ARG A 370 -22.29 -9.17 17.40
C ARG A 370 -21.15 -10.15 17.08
N ARG A 371 -20.21 -9.66 16.25
CA ARG A 371 -19.03 -10.45 15.81
C ARG A 371 -17.78 -9.97 16.56
N THR A 372 -16.76 -10.79 16.60
CA THR A 372 -15.48 -10.41 17.23
C THR A 372 -14.76 -9.36 16.41
N ILE A 373 -14.20 -8.37 17.10
CA ILE A 373 -13.38 -7.36 16.47
C ILE A 373 -11.94 -7.61 16.94
N LEU A 374 -11.01 -7.69 15.99
CA LEU A 374 -9.57 -7.77 16.27
C LEU A 374 -8.94 -6.44 15.87
N PHE A 375 -8.10 -5.90 16.76
CA PHE A 375 -7.38 -4.66 16.54
C PHE A 375 -5.90 -4.98 16.46
N ALA A 376 -5.21 -4.43 15.45
CA ALA A 376 -3.78 -4.74 15.33
C ALA A 376 -2.94 -3.50 15.12
N SER A 377 -1.81 -3.49 15.84
CA SER A 377 -0.76 -2.50 15.68
C SER A 377 0.41 -3.32 15.07
N TRP A 378 0.58 -3.23 13.74
CA TRP A 378 1.58 -4.07 13.05
C TRP A 378 2.98 -3.47 13.16
N ASP A 379 4.00 -4.35 13.14
CA ASP A 379 5.40 -3.87 13.11
C ASP A 379 5.98 -4.11 11.72
N ALA A 380 7.08 -3.41 11.43
CA ALA A 380 7.88 -3.66 10.23
C ALA A 380 7.10 -3.54 8.93
N GLU A 381 6.08 -2.67 8.91
CA GLU A 381 5.39 -2.44 7.63
C GLU A 381 6.38 -1.80 6.67
N GLU A 382 7.25 -0.94 7.19
CA GLU A 382 8.10 -0.15 6.30
C GLU A 382 9.16 -1.02 5.63
N PHE A 383 9.39 -2.24 6.17
CA PHE A 383 10.40 -3.14 5.62
C PHE A 383 9.78 -4.23 4.77
N GLY A 384 8.52 -4.02 4.36
CA GLY A 384 7.89 -4.97 3.43
C GLY A 384 6.63 -5.65 3.93
N LEU A 385 5.85 -4.96 4.77
CA LEU A 385 4.57 -5.51 5.28
C LEU A 385 4.88 -6.78 6.13
N LEU A 386 6.01 -6.77 6.84
CA LEU A 386 6.48 -8.02 7.45
C LEU A 386 5.63 -8.48 8.62
N GLY A 387 5.21 -7.56 9.49
CA GLY A 387 4.48 -7.94 10.72
C GLY A 387 3.09 -8.46 10.40
N SER A 388 2.37 -7.76 9.51
CA SER A 388 1.03 -8.24 9.12
C SER A 388 1.15 -9.57 8.39
N THR A 389 2.14 -9.69 7.51
CA THR A 389 2.24 -10.90 6.69
C THR A 389 2.63 -12.13 7.54
N GLU A 390 3.57 -11.96 8.47
CA GLU A 390 3.97 -13.12 9.30
C GLU A 390 2.80 -13.55 10.19
N TRP A 391 2.06 -12.58 10.76
CA TRP A 391 0.95 -12.92 11.62
C TRP A 391 -0.13 -13.66 10.80
N ALA A 392 -0.41 -13.15 9.58
CA ALA A 392 -1.39 -13.84 8.75
C ALA A 392 -0.92 -15.23 8.35
N GLU A 393 0.39 -15.42 8.09
CA GLU A 393 0.88 -16.77 7.80
C GLU A 393 0.67 -17.70 9.00
N GLU A 394 0.92 -17.17 10.20
CA GLU A 394 0.75 -17.97 11.41
C GLU A 394 -0.74 -18.37 11.56
N ASN A 395 -1.62 -17.45 11.22
CA ASN A 395 -3.05 -17.61 11.58
C ASN A 395 -3.94 -17.86 10.37
N SER A 396 -3.33 -18.32 9.26
CA SER A 396 -4.05 -18.36 8.00
C SER A 396 -5.32 -19.23 8.05
N ARG A 397 -5.26 -20.35 8.77
CA ARG A 397 -6.45 -21.25 8.83
C ARG A 397 -7.61 -20.59 9.55
N LEU A 398 -7.29 -19.87 10.62
CA LEU A 398 -8.34 -19.13 11.33
C LEU A 398 -8.92 -18.01 10.45
N LEU A 399 -8.05 -17.30 9.76
CA LEU A 399 -8.48 -16.16 8.96
C LEU A 399 -9.30 -16.60 7.76
N GLN A 400 -8.87 -17.66 7.09
CA GLN A 400 -9.65 -17.96 5.91
C GLN A 400 -11.01 -18.61 6.20
N GLU A 401 -11.17 -19.24 7.37
CA GLU A 401 -12.50 -19.81 7.67
C GLU A 401 -13.37 -18.82 8.46
N ARG A 402 -12.78 -17.79 9.04
CA ARG A 402 -13.53 -16.94 9.98
C ARG A 402 -13.48 -15.44 9.63
N GLY A 403 -12.62 -15.06 8.68
CA GLY A 403 -12.38 -13.61 8.46
C GLY A 403 -13.47 -12.96 7.62
N VAL A 404 -14.18 -12.01 8.21
CA VAL A 404 -15.23 -11.31 7.49
C VAL A 404 -14.65 -10.18 6.64
N ALA A 405 -13.82 -9.35 7.26
CA ALA A 405 -13.34 -8.13 6.60
C ALA A 405 -12.09 -7.61 7.28
N TYR A 406 -11.27 -6.90 6.50
CA TYR A 406 -10.08 -6.23 7.02
C TYR A 406 -10.16 -4.74 6.61
N ILE A 407 -10.05 -3.84 7.58
CA ILE A 407 -10.01 -2.39 7.35
C ILE A 407 -8.62 -1.91 7.72
N ASN A 408 -7.91 -1.35 6.74
CA ASN A 408 -6.53 -0.88 7.02
C ASN A 408 -6.56 0.48 7.74
N ALA A 409 -5.43 0.87 8.35
CA ALA A 409 -5.42 2.13 9.11
C ALA A 409 -3.99 2.66 9.17
N ASP A 410 -3.38 2.85 8.00
CA ASP A 410 -2.17 3.69 7.93
C ASP A 410 -2.66 5.13 7.98
N SER A 411 -1.76 6.08 7.68
CA SER A 411 -2.10 7.54 7.79
C SER A 411 -3.56 7.93 7.50
N SER A 412 -4.15 8.60 8.48
CA SER A 412 -5.56 9.09 8.30
C SER A 412 -5.63 10.25 7.30
N ILE A 413 -4.58 11.05 7.20
CA ILE A 413 -4.55 12.18 6.28
C ILE A 413 -3.25 12.16 5.52
N GLU A 414 -3.30 12.54 4.26
CA GLU A 414 -2.09 12.84 3.47
C GLU A 414 -2.33 14.16 2.72
N GLY A 415 -3.39 14.86 3.13
CA GLY A 415 -3.81 16.13 2.52
C GLY A 415 -5.08 16.52 3.25
N ASN A 416 -5.70 17.62 2.84
CA ASN A 416 -6.91 18.06 3.52
C ASN A 416 -7.99 18.47 2.58
N TYR A 417 -7.98 17.87 1.38
CA TYR A 417 -8.93 18.20 0.31
C TYR A 417 -10.23 17.39 0.36
N THR A 418 -10.11 16.05 0.24
CA THR A 418 -11.32 15.22 0.26
C THR A 418 -10.96 13.79 0.65
N LEU A 419 -11.99 12.94 0.75
CA LEU A 419 -11.81 11.53 1.09
C LEU A 419 -11.22 10.72 -0.09
N ARG A 420 -10.45 9.69 0.24
CA ARG A 420 -9.87 8.78 -0.78
C ARG A 420 -10.10 7.37 -0.26
N VAL A 421 -10.89 6.60 -1.00
CA VAL A 421 -11.24 5.24 -0.58
C VAL A 421 -10.82 4.22 -1.65
N ASP A 422 -10.20 3.13 -1.20
CA ASP A 422 -9.91 1.98 -2.08
C ASP A 422 -10.51 0.77 -1.37
N CYS A 423 -11.27 -0.06 -2.07
CA CYS A 423 -11.87 -1.21 -1.39
C CYS A 423 -12.41 -2.20 -2.38
N THR A 424 -12.77 -3.37 -1.88
CA THR A 424 -13.50 -4.35 -2.69
C THR A 424 -14.88 -3.79 -3.08
N PRO A 425 -15.38 -4.15 -4.28
CA PRO A 425 -16.73 -3.74 -4.63
C PRO A 425 -17.77 -4.18 -3.58
N LEU A 426 -17.48 -5.24 -2.79
CA LEU A 426 -18.46 -5.69 -1.78
C LEU A 426 -18.73 -4.63 -0.74
N MET A 427 -17.81 -3.68 -0.57
CA MET A 427 -18.00 -2.59 0.40
C MET A 427 -18.50 -1.26 -0.18
N TYR A 428 -18.71 -1.17 -1.49
CA TYR A 428 -19.12 0.12 -2.09
C TYR A 428 -20.41 0.70 -1.46
N SER A 429 -21.42 -0.15 -1.31
CA SER A 429 -22.73 0.28 -0.75
C SER A 429 -22.62 0.68 0.71
N LEU A 430 -21.87 -0.10 1.49
CA LEU A 430 -21.54 0.26 2.87
C LEU A 430 -20.90 1.67 2.95
N VAL A 431 -19.89 1.89 2.11
CA VAL A 431 -19.18 3.21 2.16
C VAL A 431 -20.12 4.35 1.72
N HIS A 432 -20.89 4.15 0.65
CA HIS A 432 -21.89 5.19 0.24
C HIS A 432 -22.86 5.50 1.38
N ASN A 433 -23.45 4.46 1.98
CA ASN A 433 -24.45 4.66 3.05
C ASN A 433 -23.87 5.31 4.27
N LEU A 434 -22.68 4.89 4.67
CA LEU A 434 -22.07 5.49 5.87
C LEU A 434 -21.72 6.97 5.65
N THR A 435 -21.12 7.30 4.51
CA THR A 435 -20.68 8.71 4.28
C THR A 435 -21.88 9.65 4.12
N LYS A 436 -23.03 9.11 3.71
CA LYS A 436 -24.27 9.93 3.68
C LYS A 436 -24.77 10.31 5.08
N GLU A 437 -24.35 9.54 6.08
N GLU A 437 -24.35 9.59 6.11
CA GLU A 437 -24.73 9.71 7.50
CA GLU A 437 -24.81 9.89 7.46
C GLU A 437 -23.71 10.48 8.34
C GLU A 437 -23.81 10.72 8.25
N LEU A 438 -22.59 10.87 7.71
CA LEU A 438 -21.53 11.64 8.35
C LEU A 438 -21.51 13.09 7.87
N LYS A 439 -21.12 13.97 8.78
CA LYS A 439 -21.00 15.41 8.48
C LYS A 439 -19.73 15.68 7.71
N SER A 440 -19.82 16.52 6.68
CA SER A 440 -18.58 16.95 6.00
C SER A 440 -17.80 17.89 6.91
N PRO A 441 -16.47 17.71 6.99
CA PRO A 441 -15.64 18.67 7.75
C PRO A 441 -15.14 19.83 6.87
N ASP A 442 -15.48 19.80 5.58
CA ASP A 442 -14.89 20.69 4.60
C ASP A 442 -15.53 22.10 4.69
N GLU A 443 -14.65 23.07 4.49
CA GLU A 443 -15.05 24.48 4.34
C GLU A 443 -15.99 24.64 3.14
N GLY A 444 -17.10 25.32 3.35
CA GLY A 444 -18.16 25.49 2.35
C GLY A 444 -19.18 24.35 2.26
N PHE A 445 -19.01 23.30 3.08
CA PHE A 445 -19.97 22.19 3.11
C PHE A 445 -20.53 22.01 4.51
N GLU A 446 -20.54 23.09 5.29
CA GLU A 446 -21.12 23.10 6.64
C GLU A 446 -22.58 22.69 6.52
N GLY A 447 -22.98 21.71 7.33
CA GLY A 447 -24.35 21.22 7.28
C GLY A 447 -24.62 20.18 6.20
N LYS A 448 -23.61 19.86 5.38
CA LYS A 448 -23.77 18.87 4.32
C LYS A 448 -23.08 17.57 4.72
N SER A 449 -23.46 16.49 4.07
CA SER A 449 -22.88 15.17 4.36
C SER A 449 -21.48 15.06 3.77
N LEU A 450 -20.68 14.17 4.36
CA LEU A 450 -19.41 13.78 3.77
C LEU A 450 -19.62 13.24 2.34
N TYR A 451 -20.68 12.45 2.13
CA TYR A 451 -20.95 11.94 0.78
C TYR A 451 -21.05 13.07 -0.25
N GLU A 452 -21.76 14.12 0.13
CA GLU A 452 -21.96 15.30 -0.75
C GLU A 452 -20.63 15.99 -1.10
N SER A 453 -19.79 16.27 -0.09
CA SER A 453 -18.52 16.96 -0.37
C SER A 453 -17.55 16.09 -1.16
N TRP A 454 -17.51 14.79 -0.81
CA TRP A 454 -16.62 13.86 -1.46
C TRP A 454 -17.02 13.66 -2.93
N THR A 455 -18.34 13.53 -3.19
CA THR A 455 -18.81 13.34 -4.55
C THR A 455 -18.55 14.58 -5.41
N LYS A 456 -18.76 15.76 -4.83
CA LYS A 456 -18.46 17.01 -5.51
C LYS A 456 -16.96 17.11 -5.86
N LYS A 457 -16.08 16.83 -4.90
CA LYS A 457 -14.63 16.99 -5.11
C LYS A 457 -13.93 15.87 -5.86
N SER A 458 -14.52 14.66 -5.82
CA SER A 458 -13.91 13.47 -6.43
C SER A 458 -15.01 12.65 -7.14
N PRO A 459 -15.56 13.20 -8.25
CA PRO A 459 -16.64 12.51 -8.95
C PRO A 459 -16.20 11.20 -9.59
N SER A 460 -17.09 10.22 -9.57
CA SER A 460 -16.87 8.97 -10.28
C SER A 460 -16.65 9.27 -11.77
N PRO A 461 -15.65 8.62 -12.40
CA PRO A 461 -15.50 8.81 -13.86
C PRO A 461 -16.65 8.20 -14.72
N GLU A 462 -17.45 7.33 -14.10
N GLU A 462 -17.40 7.23 -14.17
CA GLU A 462 -18.46 6.50 -14.76
CA GLU A 462 -18.53 6.65 -14.90
C GLU A 462 -19.92 6.87 -14.45
C GLU A 462 -19.88 7.26 -14.52
N PHE A 463 -20.17 7.35 -13.22
CA PHE A 463 -21.55 7.63 -12.75
C PHE A 463 -21.75 9.01 -12.16
N SER A 464 -22.72 9.74 -12.71
CA SER A 464 -23.12 11.03 -12.18
C SER A 464 -23.68 10.87 -10.77
N GLY A 465 -23.28 11.77 -9.87
CA GLY A 465 -23.82 11.83 -8.51
C GLY A 465 -23.26 10.78 -7.55
N MET A 466 -22.18 10.14 -7.99
CA MET A 466 -21.43 9.15 -7.16
C MET A 466 -19.95 9.51 -7.06
N PRO A 467 -19.29 9.14 -5.94
CA PRO A 467 -17.86 9.43 -5.78
C PRO A 467 -16.94 8.38 -6.38
N ARG A 468 -15.67 8.75 -6.58
CA ARG A 468 -14.68 7.80 -7.07
C ARG A 468 -14.30 6.86 -5.91
N ILE A 469 -14.29 5.55 -6.18
CA ILE A 469 -13.67 4.56 -5.26
C ILE A 469 -12.71 3.73 -6.09
N SER A 470 -11.45 3.67 -5.66
CA SER A 470 -10.40 3.00 -6.41
C SER A 470 -10.23 1.51 -6.04
N LYS A 471 -9.51 0.80 -6.90
N LYS A 471 -9.56 0.75 -6.90
CA LYS A 471 -9.10 -0.58 -6.66
CA LYS A 471 -9.25 -0.65 -6.58
C LYS A 471 -8.06 -0.60 -5.54
C LYS A 471 -8.03 -0.71 -5.68
N LEU A 472 -8.01 -1.71 -4.80
CA LEU A 472 -6.88 -1.96 -3.92
C LEU A 472 -5.69 -2.42 -4.70
N GLY A 473 -4.54 -1.78 -4.45
CA GLY A 473 -3.27 -2.33 -4.98
C GLY A 473 -2.47 -3.03 -3.90
N SER A 474 -1.28 -2.49 -3.64
CA SER A 474 -0.57 -3.00 -2.48
C SER A 474 0.28 -1.86 -1.92
N GLY A 475 1.37 -2.20 -1.22
CA GLY A 475 2.12 -1.13 -0.51
C GLY A 475 1.53 -0.84 0.85
N ASN A 476 0.63 -1.70 1.33
CA ASN A 476 0.19 -1.57 2.74
C ASN A 476 -0.33 -2.88 3.33
N ASP A 477 -0.72 -2.89 4.61
CA ASP A 477 -0.81 -4.16 5.39
C ASP A 477 -2.06 -4.94 5.06
N PHE A 478 -2.95 -4.40 4.22
CA PHE A 478 -4.08 -5.20 3.73
C PHE A 478 -3.67 -6.28 2.71
N GLU A 479 -2.44 -6.19 2.17
CA GLU A 479 -2.08 -7.04 1.01
C GLU A 479 -2.28 -8.53 1.34
N VAL A 480 -1.78 -9.00 2.48
CA VAL A 480 -1.86 -10.47 2.74
C VAL A 480 -3.35 -10.89 2.88
N PHE A 481 -4.12 -10.02 3.55
CA PHE A 481 -5.55 -10.38 3.80
C PHE A 481 -6.33 -10.45 2.51
N PHE A 482 -6.07 -9.51 1.61
CA PHE A 482 -6.92 -9.38 0.38
C PHE A 482 -6.34 -10.23 -0.75
N GLN A 483 -5.09 -10.00 -1.14
CA GLN A 483 -4.57 -10.68 -2.35
C GLN A 483 -4.10 -12.14 -2.10
N ARG A 484 -3.68 -12.47 -0.86
CA ARG A 484 -3.30 -13.87 -0.55
C ARG A 484 -4.50 -14.66 -0.06
N LEU A 485 -5.18 -14.14 0.98
CA LEU A 485 -6.23 -14.91 1.62
C LEU A 485 -7.65 -14.67 1.12
N GLY A 486 -7.92 -13.57 0.41
CA GLY A 486 -9.28 -13.33 -0.15
C GLY A 486 -10.29 -12.90 0.88
N ILE A 487 -9.83 -12.06 1.81
CA ILE A 487 -10.76 -11.46 2.80
C ILE A 487 -11.12 -10.03 2.32
N ALA A 488 -12.41 -9.74 2.25
CA ALA A 488 -12.89 -8.42 1.81
C ALA A 488 -12.16 -7.33 2.58
N SER A 489 -11.56 -6.39 1.84
CA SER A 489 -10.70 -5.36 2.49
C SER A 489 -11.00 -3.94 1.98
N GLY A 490 -10.70 -2.94 2.81
CA GLY A 490 -10.93 -1.53 2.43
C GLY A 490 -10.00 -0.60 3.19
N ARG A 491 -9.90 0.61 2.68
CA ARG A 491 -9.11 1.65 3.33
C ARG A 491 -9.71 3.02 2.95
N ALA A 492 -9.53 4.00 3.82
CA ALA A 492 -10.12 5.34 3.63
C ALA A 492 -9.20 6.31 4.36
N ARG A 493 -8.94 7.43 3.72
CA ARG A 493 -8.12 8.50 4.32
C ARG A 493 -8.42 9.82 3.62
N TYR A 494 -8.06 10.94 4.25
CA TYR A 494 -8.16 12.24 3.56
C TYR A 494 -6.91 12.43 2.73
N THR A 495 -7.08 13.05 1.57
CA THR A 495 -6.01 13.18 0.60
C THR A 495 -5.98 14.60 0.02
N LYS A 496 -5.00 14.85 -0.84
CA LYS A 496 -4.83 16.13 -1.54
C LYS A 496 -5.61 16.14 -2.87
N ASN A 497 -5.69 17.30 -3.55
CA ASN A 497 -6.28 17.41 -4.91
C ASN A 497 -5.35 16.76 -5.97
N TRP A 498 -5.88 16.53 -7.18
CA TRP A 498 -5.15 16.00 -8.37
C TRP A 498 -4.60 14.58 -8.16
N GLU A 499 -5.52 13.62 -8.11
CA GLU A 499 -5.23 12.19 -7.91
C GLU A 499 -4.39 11.54 -9.02
N THR A 500 -4.04 12.34 -10.05
CA THR A 500 -3.01 12.01 -11.05
C THR A 500 -1.66 11.73 -10.38
N ASN A 501 -1.33 12.52 -9.36
CA ASN A 501 -0.07 12.40 -8.62
C ASN A 501 -0.20 11.47 -7.38
N LYS A 502 -1.24 10.67 -7.31
CA LYS A 502 -1.55 9.95 -6.08
C LYS A 502 -0.46 8.93 -5.64
N PHE A 503 0.28 8.33 -6.57
CA PHE A 503 1.29 7.32 -6.18
C PHE A 503 2.63 7.92 -5.77
N SER A 504 2.76 9.24 -5.82
CA SER A 504 4.08 9.84 -5.53
C SER A 504 4.31 10.12 -4.04
N GLY A 505 3.21 10.19 -3.27
CA GLY A 505 3.24 10.63 -1.85
C GLY A 505 3.14 12.16 -1.74
N TYR A 506 3.01 12.63 -0.51
CA TYR A 506 3.00 14.04 -0.12
C TYR A 506 4.47 14.48 0.01
N PRO A 507 4.73 15.80 0.06
CA PRO A 507 6.17 16.15 -0.11
C PRO A 507 7.14 15.63 0.95
N LEU A 508 6.68 15.57 2.21
CA LEU A 508 7.60 15.17 3.31
C LEU A 508 7.55 13.69 3.65
N TYR A 509 6.93 12.91 2.77
CA TYR A 509 6.83 11.42 2.91
C TYR A 509 8.18 10.77 3.21
N HIS A 510 8.26 10.04 4.33
CA HIS A 510 9.44 9.22 4.71
C HIS A 510 10.73 10.05 4.97
N SER A 511 10.53 11.34 5.26
CA SER A 511 11.62 12.25 5.63
C SER A 511 11.61 12.53 7.16
N VAL A 512 12.74 13.02 7.69
CA VAL A 512 12.83 13.39 9.10
C VAL A 512 11.81 14.54 9.42
N TYR A 513 11.32 15.25 8.39
CA TYR A 513 10.44 16.41 8.63
C TYR A 513 9.00 16.05 8.91
N GLU A 514 8.62 14.77 8.77
CA GLU A 514 7.26 14.33 9.11
C GLU A 514 7.08 14.27 10.60
N THR A 515 6.61 15.37 11.19
CA THR A 515 6.53 15.51 12.63
C THR A 515 5.10 15.85 13.09
N TYR A 516 4.91 15.81 14.41
CA TYR A 516 3.68 16.31 14.99
C TYR A 516 3.39 17.76 14.51
N GLU A 517 4.41 18.60 14.51
CA GLU A 517 4.25 20.01 14.14
C GLU A 517 3.77 20.18 12.74
N LEU A 518 4.27 19.34 11.84
CA LEU A 518 3.80 19.34 10.46
C LEU A 518 2.28 19.19 10.39
N VAL A 519 1.76 18.20 11.12
CA VAL A 519 0.30 17.92 11.08
C VAL A 519 -0.50 19.05 11.74
N GLU A 520 -0.06 19.43 12.94
CA GLU A 520 -0.78 20.39 13.77
C GLU A 520 -0.77 21.80 13.13
N LYS A 521 0.35 22.19 12.51
CA LYS A 521 0.45 23.54 11.93
C LYS A 521 -0.14 23.61 10.54
N PHE A 522 0.14 22.61 9.70
CA PHE A 522 -0.10 22.74 8.24
C PHE A 522 -1.20 21.84 7.68
N TYR A 523 -1.49 20.69 8.31
CA TYR A 523 -2.49 19.79 7.74
C TYR A 523 -3.85 19.88 8.40
N ASP A 524 -3.87 19.83 9.74
CA ASP A 524 -5.16 19.58 10.41
C ASP A 524 -5.16 20.16 11.80
N PRO A 525 -5.06 21.50 11.92
CA PRO A 525 -4.94 22.12 13.24
C PRO A 525 -6.07 21.81 14.24
N MET A 526 -7.29 21.61 13.74
N MET A 526 -7.30 21.63 13.72
CA MET A 526 -8.44 21.32 14.62
CA MET A 526 -8.50 21.33 14.51
C MET A 526 -8.73 19.81 14.73
C MET A 526 -8.67 19.83 14.77
N PHE A 527 -7.90 19.01 14.05
CA PHE A 527 -8.03 17.53 14.05
C PHE A 527 -9.40 17.07 13.55
N LYS A 528 -10.03 17.94 12.74
CA LYS A 528 -11.35 17.62 12.19
C LYS A 528 -11.27 16.60 11.06
N TYR A 529 -10.19 16.61 10.27
CA TYR A 529 -10.06 15.62 9.19
C TYR A 529 -9.74 14.27 9.80
N HIS A 530 -8.89 14.25 10.84
CA HIS A 530 -8.63 13.01 11.63
C HIS A 530 -9.92 12.44 12.22
N LEU A 531 -10.74 13.32 12.81
CA LEU A 531 -12.00 12.87 13.37
C LEU A 531 -12.94 12.26 12.33
N THR A 532 -13.06 12.92 11.18
CA THR A 532 -13.90 12.38 10.07
C THR A 532 -13.39 11.02 9.63
N VAL A 533 -12.08 10.89 9.48
CA VAL A 533 -11.53 9.56 9.07
C VAL A 533 -11.75 8.52 10.18
N ALA A 534 -11.67 8.90 11.44
CA ALA A 534 -11.99 7.97 12.52
C ALA A 534 -13.46 7.51 12.43
N GLN A 535 -14.36 8.43 12.10
CA GLN A 535 -15.80 8.10 11.94
C GLN A 535 -16.02 7.16 10.75
N VAL A 536 -15.26 7.36 9.65
CA VAL A 536 -15.39 6.45 8.49
C VAL A 536 -14.83 5.04 8.82
N ARG A 537 -13.61 4.97 9.32
CA ARG A 537 -13.02 3.64 9.59
C ARG A 537 -13.78 2.94 10.72
N GLY A 538 -14.02 3.66 11.80
CA GLY A 538 -14.76 3.12 12.93
C GLY A 538 -16.18 2.73 12.56
N GLY A 539 -16.84 3.61 11.80
CA GLY A 539 -18.20 3.31 11.34
C GLY A 539 -18.26 2.06 10.46
N MET A 540 -17.27 1.89 9.59
CA MET A 540 -17.20 0.65 8.78
C MET A 540 -17.03 -0.60 9.64
N VAL A 541 -16.10 -0.56 10.59
CA VAL A 541 -15.85 -1.67 11.51
C VAL A 541 -17.12 -1.95 12.32
N PHE A 542 -17.79 -0.88 12.79
CA PHE A 542 -19.03 -1.06 13.58
C PHE A 542 -20.08 -1.82 12.77
N GLU A 543 -20.31 -1.38 11.53
CA GLU A 543 -21.32 -2.03 10.67
C GLU A 543 -20.96 -3.47 10.34
N LEU A 544 -19.69 -3.70 9.98
CA LEU A 544 -19.24 -5.04 9.65
C LEU A 544 -19.37 -5.98 10.83
N ALA A 545 -19.13 -5.46 12.05
CA ALA A 545 -19.14 -6.31 13.23
C ALA A 545 -20.55 -6.41 13.83
N ASN A 546 -21.47 -5.53 13.43
CA ASN A 546 -22.79 -5.50 14.12
C ASN A 546 -24.01 -5.69 13.30
N SER A 547 -23.94 -5.46 11.99
CA SER A 547 -25.14 -5.68 11.13
C SER A 547 -25.53 -7.14 11.19
N ILE A 548 -26.83 -7.39 11.23
CA ILE A 548 -27.30 -8.76 11.26
C ILE A 548 -26.93 -9.50 9.99
N VAL A 549 -27.26 -8.89 8.84
CA VAL A 549 -26.83 -9.40 7.54
C VAL A 549 -25.53 -8.65 7.25
N LEU A 550 -24.47 -9.36 6.85
CA LEU A 550 -23.20 -8.64 6.52
C LEU A 550 -23.47 -7.58 5.47
N PRO A 551 -22.83 -6.38 5.62
CA PRO A 551 -23.23 -5.27 4.76
C PRO A 551 -22.42 -5.26 3.42
N PHE A 552 -22.51 -6.38 2.69
CA PHE A 552 -21.84 -6.57 1.39
C PHE A 552 -22.92 -6.65 0.32
N ASP A 553 -22.71 -5.98 -0.81
CA ASP A 553 -23.67 -6.11 -1.93
C ASP A 553 -23.00 -6.81 -3.13
N CYS A 554 -23.33 -8.09 -3.33
CA CYS A 554 -22.68 -8.82 -4.42
C CYS A 554 -22.97 -8.26 -5.82
N ARG A 555 -24.08 -7.54 -5.98
CA ARG A 555 -24.40 -6.92 -7.29
C ARG A 555 -23.36 -5.87 -7.74
N ASP A 556 -22.72 -5.21 -6.77
CA ASP A 556 -21.64 -4.26 -7.10
C ASP A 556 -20.42 -4.97 -7.72
N TYR A 557 -20.15 -6.21 -7.28
CA TYR A 557 -19.08 -6.98 -7.94
C TYR A 557 -19.45 -7.26 -9.38
N ALA A 558 -20.72 -7.56 -9.62
CA ALA A 558 -21.14 -7.92 -10.98
C ALA A 558 -20.92 -6.76 -11.98
N VAL A 559 -21.27 -5.54 -11.55
CA VAL A 559 -21.06 -4.31 -12.31
C VAL A 559 -19.57 -4.13 -12.66
N VAL A 560 -18.72 -4.25 -11.65
CA VAL A 560 -17.28 -3.99 -11.90
C VAL A 560 -16.66 -5.11 -12.77
N LEU A 561 -17.11 -6.35 -12.59
CA LEU A 561 -16.59 -7.46 -13.41
C LEU A 561 -16.86 -7.20 -14.89
N ARG A 562 -18.03 -6.66 -15.23
CA ARG A 562 -18.32 -6.34 -16.65
C ARG A 562 -17.39 -5.23 -17.17
N LYS A 563 -17.21 -4.17 -16.38
CA LYS A 563 -16.26 -3.12 -16.69
C LYS A 563 -14.85 -3.67 -16.95
N TYR A 564 -14.39 -4.56 -16.06
CA TYR A 564 -13.00 -5.12 -16.20
C TYR A 564 -12.93 -6.03 -17.43
N ALA A 565 -14.02 -6.75 -17.72
CA ALA A 565 -14.02 -7.65 -18.88
C ALA A 565 -13.98 -6.81 -20.18
N ASP A 566 -14.79 -5.74 -20.23
CA ASP A 566 -14.74 -4.79 -21.37
C ASP A 566 -13.32 -4.23 -21.56
N LYS A 567 -12.66 -3.87 -20.44
CA LYS A 567 -11.35 -3.25 -20.50
C LYS A 567 -10.29 -4.24 -21.06
N ILE A 568 -10.26 -5.45 -20.51
CA ILE A 568 -9.27 -6.43 -20.95
C ILE A 568 -9.54 -6.85 -22.45
N TYR A 569 -10.81 -7.03 -22.83
CA TYR A 569 -11.14 -7.31 -24.22
C TYR A 569 -10.61 -6.17 -25.15
N SER A 570 -10.77 -4.93 -24.73
N SER A 570 -10.75 -4.91 -24.75
CA SER A 570 -10.33 -3.78 -25.53
CA SER A 570 -10.31 -3.77 -25.58
C SER A 570 -8.82 -3.78 -25.73
C SER A 570 -8.78 -3.60 -25.67
N ILE A 571 -8.06 -4.16 -24.69
CA ILE A 571 -6.59 -4.29 -24.79
C ILE A 571 -6.24 -5.36 -25.85
N SER A 572 -6.91 -6.51 -25.78
CA SER A 572 -6.64 -7.59 -26.70
C SER A 572 -6.95 -7.18 -28.13
N MET A 573 -8.05 -6.44 -28.27
CA MET A 573 -8.55 -6.03 -29.62
C MET A 573 -7.68 -5.02 -30.36
N LYS A 574 -6.60 -4.55 -29.70
CA LYS A 574 -5.52 -3.83 -30.42
C LYS A 574 -4.74 -4.77 -31.37
N HIS A 575 -4.96 -6.10 -31.25
CA HIS A 575 -4.26 -7.13 -32.04
C HIS A 575 -5.28 -8.04 -32.77
N PRO A 576 -6.13 -7.43 -33.64
CA PRO A 576 -7.21 -8.25 -34.23
C PRO A 576 -6.72 -9.38 -35.12
N GLN A 577 -5.61 -9.18 -35.84
CA GLN A 577 -5.10 -10.26 -36.71
C GLN A 577 -4.65 -11.47 -35.89
N GLU A 578 -4.01 -11.24 -34.74
CA GLU A 578 -3.59 -12.35 -33.89
C GLU A 578 -4.77 -13.06 -33.25
N MET A 579 -5.79 -12.29 -32.89
CA MET A 579 -6.97 -12.91 -32.27
C MET A 579 -7.68 -13.82 -33.28
N LYS A 580 -7.64 -13.45 -34.56
CA LYS A 580 -8.19 -14.33 -35.60
C LYS A 580 -7.36 -15.61 -35.77
N THR A 581 -6.04 -15.42 -35.91
CA THR A 581 -5.10 -16.52 -36.19
C THR A 581 -5.11 -17.55 -35.09
N TYR A 582 -5.09 -17.10 -33.83
CA TYR A 582 -5.04 -18.01 -32.70
C TYR A 582 -6.40 -18.31 -32.04
N SER A 583 -7.50 -17.85 -32.68
CA SER A 583 -8.87 -18.06 -32.21
C SER A 583 -8.99 -17.64 -30.75
N VAL A 584 -8.61 -16.39 -30.46
CA VAL A 584 -8.60 -15.90 -29.06
C VAL A 584 -10.01 -15.35 -28.80
N SER A 585 -10.80 -16.07 -28.00
CA SER A 585 -12.16 -15.64 -27.75
C SER A 585 -12.36 -15.24 -26.29
N PHE A 586 -13.01 -14.11 -26.08
CA PHE A 586 -13.41 -13.74 -24.69
C PHE A 586 -14.83 -14.19 -24.34
N ASP A 587 -15.46 -14.98 -25.21
CA ASP A 587 -16.85 -15.39 -24.99
C ASP A 587 -17.09 -16.05 -23.62
N SER A 588 -16.16 -16.93 -23.19
CA SER A 588 -16.32 -17.63 -21.90
C SER A 588 -16.31 -16.65 -20.76
N LEU A 589 -15.44 -15.65 -20.84
CA LEU A 589 -15.36 -14.66 -19.77
C LEU A 589 -16.64 -13.80 -19.70
N PHE A 590 -17.11 -13.32 -20.85
CA PHE A 590 -18.36 -12.56 -20.79
C PHE A 590 -19.56 -13.42 -20.33
N SER A 591 -19.58 -14.70 -20.75
CA SER A 591 -20.61 -15.64 -20.26
C SER A 591 -20.59 -15.78 -18.75
N ALA A 592 -19.38 -15.95 -18.19
CA ALA A 592 -19.24 -16.06 -16.74
C ALA A 592 -19.73 -14.80 -16.04
N VAL A 593 -19.38 -13.63 -16.59
CA VAL A 593 -19.79 -12.34 -15.95
C VAL A 593 -21.31 -12.21 -16.03
N LYS A 594 -21.89 -12.54 -17.18
CA LYS A 594 -23.36 -12.55 -17.32
C LYS A 594 -24.04 -13.45 -16.29
N ASN A 595 -23.49 -14.65 -16.12
CA ASN A 595 -23.99 -15.58 -15.13
C ASN A 595 -23.86 -15.05 -13.72
N PHE A 596 -22.70 -14.46 -13.38
CA PHE A 596 -22.51 -13.88 -12.07
C PHE A 596 -23.58 -12.80 -11.84
N THR A 597 -23.84 -12.00 -12.89
CA THR A 597 -24.81 -10.90 -12.76
C THR A 597 -26.22 -11.46 -12.42
N GLU A 598 -26.62 -12.51 -13.16
CA GLU A 598 -27.94 -13.14 -12.95
C GLU A 598 -28.05 -13.80 -11.57
N ILE A 599 -27.00 -14.55 -11.17
CA ILE A 599 -27.02 -15.28 -9.90
C ILE A 599 -26.98 -14.30 -8.73
N ALA A 600 -26.16 -13.26 -8.84
CA ALA A 600 -26.10 -12.23 -7.78
C ALA A 600 -27.46 -11.53 -7.59
N SER A 601 -28.13 -11.26 -8.70
CA SER A 601 -29.47 -10.63 -8.63
C SER A 601 -30.44 -11.53 -7.87
N LYS A 602 -30.45 -12.83 -8.18
CA LYS A 602 -31.34 -13.76 -7.49
C LYS A 602 -30.97 -13.93 -6.01
N PHE A 603 -29.66 -13.99 -5.72
CA PHE A 603 -29.21 -14.07 -4.35
C PHE A 603 -29.66 -12.83 -3.54
N SER A 604 -29.52 -11.65 -4.12
CA SER A 604 -29.94 -10.42 -3.47
C SER A 604 -31.46 -10.45 -3.11
N GLU A 605 -32.26 -10.99 -4.02
CA GLU A 605 -33.70 -11.15 -3.79
C GLU A 605 -33.95 -12.07 -2.60
N ARG A 606 -33.26 -13.24 -2.56
CA ARG A 606 -33.40 -14.12 -1.40
C ARG A 606 -32.97 -13.49 -0.11
N LEU A 607 -31.91 -12.68 -0.16
CA LEU A 607 -31.36 -12.05 1.04
C LEU A 607 -32.35 -11.07 1.64
N GLN A 608 -33.16 -10.47 0.79
CA GLN A 608 -34.12 -9.55 1.33
C GLN A 608 -35.45 -10.23 1.70
N ASP A 609 -35.68 -11.41 1.12
CA ASP A 609 -36.91 -12.21 1.27
C ASP A 609 -36.90 -13.36 2.29
N PHE A 610 -35.70 -13.85 2.60
N PHE A 610 -35.83 -13.53 3.11
CA PHE A 610 -35.58 -15.11 3.29
CA PHE A 610 -35.83 -14.44 4.31
C PHE A 610 -36.18 -14.86 4.64
C PHE A 610 -35.90 -13.76 5.72
N ASP A 611 -36.56 -15.94 5.27
N ASP A 611 -36.28 -14.46 6.79
CA ASP A 611 -37.22 -15.91 6.55
CA ASP A 611 -36.08 -13.77 8.09
C ASP A 611 -36.27 -15.31 7.56
C ASP A 611 -35.03 -14.26 9.08
N LYS A 612 -36.61 -14.13 8.04
N LYS A 612 -34.39 -13.25 9.63
CA LYS A 612 -35.65 -13.33 8.83
CA LYS A 612 -33.40 -13.34 10.67
C LYS A 612 -35.53 -13.91 10.23
C LYS A 612 -34.27 -13.80 11.83
N SER A 613 -36.54 -14.68 10.66
N SER A 613 -33.68 -14.50 12.77
CA SER A 613 -36.46 -15.40 11.92
CA SER A 613 -34.37 -15.14 13.89
C SER A 613 -35.50 -16.63 11.96
C SER A 613 -34.21 -16.62 13.77
N ASN A 614 -34.91 -17.05 10.84
N ASN A 614 -34.01 -17.09 12.55
CA ASN A 614 -34.18 -18.33 10.82
CA ASN A 614 -33.63 -18.47 12.38
C ASN A 614 -32.68 -18.10 10.81
C ASN A 614 -32.09 -18.48 12.37
N PRO A 615 -32.00 -18.38 11.95
N PRO A 615 -31.45 -18.79 13.52
CA PRO A 615 -30.62 -17.94 12.09
CA PRO A 615 -29.98 -18.68 13.54
C PRO A 615 -29.69 -18.80 11.25
C PRO A 615 -29.20 -19.44 12.45
N ILE A 616 -30.14 -20.01 10.89
N ILE A 616 -29.59 -20.66 12.10
CA ILE A 616 -29.33 -20.89 10.01
CA ILE A 616 -28.79 -21.40 11.10
C ILE A 616 -29.34 -20.41 8.56
C ILE A 616 -29.00 -20.90 9.70
N VAL A 617 -30.51 -20.01 8.07
N VAL A 617 -30.23 -20.50 9.39
CA VAL A 617 -30.56 -19.45 6.73
CA VAL A 617 -30.50 -19.91 8.08
C VAL A 617 -29.78 -18.13 6.71
C VAL A 617 -29.72 -18.58 7.91
N LEU A 618 -29.93 -17.32 7.77
N LEU A 618 -29.70 -17.74 8.94
CA LEU A 618 -29.14 -16.09 7.91
CA LEU A 618 -28.93 -16.52 8.88
C LEU A 618 -27.63 -16.38 7.82
C LEU A 618 -27.43 -16.85 8.75
N ARG A 619 -27.14 -17.30 8.67
N ARG A 619 -26.99 -17.90 9.42
CA ARG A 619 -25.71 -17.58 8.77
CA ARG A 619 -25.57 -18.26 9.25
C ARG A 619 -25.27 -18.25 7.50
C ARG A 619 -25.15 -18.63 7.80
N MET A 620 -26.09 -19.20 7.00
CA MET A 620 -25.83 -19.72 5.62
C MET A 620 -25.67 -18.57 4.62
N MET A 621 -26.56 -17.58 4.65
CA MET A 621 -26.45 -16.52 3.68
C MET A 621 -25.26 -15.58 4.04
N ASN A 622 -25.02 -15.40 5.36
CA ASN A 622 -23.83 -14.59 5.80
C ASN A 622 -22.53 -15.28 5.37
N ASP A 623 -22.51 -16.62 5.46
CA ASP A 623 -21.33 -17.40 5.00
C ASP A 623 -21.17 -17.23 3.48
N GLN A 624 -22.27 -17.25 2.74
CA GLN A 624 -22.19 -17.00 1.28
C GLN A 624 -21.60 -15.62 1.01
N LEU A 625 -22.01 -14.61 1.79
CA LEU A 625 -21.41 -13.27 1.60
C LEU A 625 -19.93 -13.18 2.00
N MET A 626 -19.59 -13.82 3.12
CA MET A 626 -18.20 -13.83 3.63
C MET A 626 -17.26 -14.58 2.68
N PHE A 627 -17.73 -15.71 2.14
CA PHE A 627 -16.86 -16.53 1.27
C PHE A 627 -16.88 -16.11 -0.18
N LEU A 628 -17.62 -15.05 -0.51
CA LEU A 628 -17.65 -14.58 -1.91
C LEU A 628 -16.29 -14.00 -2.33
N GLU A 629 -15.71 -13.13 -1.50
CA GLU A 629 -14.35 -12.65 -1.82
C GLU A 629 -13.39 -13.83 -1.89
N ARG A 630 -13.55 -14.81 -1.01
CA ARG A 630 -12.66 -15.97 -0.90
C ARG A 630 -12.71 -16.79 -2.20
N ALA A 631 -13.88 -16.79 -2.87
CA ALA A 631 -14.02 -17.57 -4.11
C ALA A 631 -13.16 -17.08 -5.25
N PHE A 632 -12.70 -15.82 -5.20
CA PHE A 632 -11.80 -15.35 -6.27
C PHE A 632 -10.36 -15.77 -6.09
N ILE A 633 -10.04 -16.49 -5.01
CA ILE A 633 -8.68 -17.02 -4.77
C ILE A 633 -8.45 -18.27 -5.63
N ASP A 634 -7.32 -18.29 -6.35
CA ASP A 634 -6.85 -19.51 -7.03
C ASP A 634 -5.70 -20.09 -6.19
N PRO A 635 -5.84 -21.31 -5.70
CA PRO A 635 -4.79 -21.87 -4.83
C PRO A 635 -3.46 -22.05 -5.59
N LEU A 636 -3.45 -21.98 -6.92
CA LEU A 636 -2.16 -22.09 -7.64
C LEU A 636 -1.45 -20.74 -7.82
N GLY A 637 -2.11 -19.65 -7.44
CA GLY A 637 -1.54 -18.29 -7.54
C GLY A 637 -1.46 -17.81 -8.96
N LEU A 638 -0.96 -16.59 -9.16
CA LEU A 638 -0.70 -16.07 -10.49
C LEU A 638 0.70 -16.48 -10.96
N PRO A 639 0.95 -16.48 -12.29
CA PRO A 639 2.28 -16.91 -12.80
C PRO A 639 3.49 -16.27 -12.13
N ASP A 640 4.35 -17.11 -11.54
CA ASP A 640 5.58 -16.70 -10.87
C ASP A 640 5.36 -15.79 -9.66
N ARG A 641 4.09 -15.67 -9.24
CA ARG A 641 3.72 -14.84 -8.05
C ARG A 641 2.73 -15.66 -7.18
N PRO A 642 3.26 -16.69 -6.48
CA PRO A 642 2.43 -17.62 -5.75
C PRO A 642 1.64 -17.03 -4.60
N PHE A 643 2.05 -15.88 -4.07
CA PHE A 643 1.31 -15.27 -2.99
C PHE A 643 0.32 -14.20 -3.43
N TYR A 644 0.23 -13.96 -4.74
CA TYR A 644 -0.89 -13.17 -5.26
C TYR A 644 -1.87 -14.16 -5.87
N ARG A 645 -2.95 -14.42 -5.14
CA ARG A 645 -3.84 -15.54 -5.54
C ARG A 645 -5.22 -15.05 -6.01
N HIS A 646 -5.50 -13.75 -5.88
CA HIS A 646 -6.84 -13.25 -6.23
C HIS A 646 -6.83 -13.12 -7.78
N VAL A 647 -7.83 -13.67 -8.47
CA VAL A 647 -7.81 -13.69 -9.94
C VAL A 647 -8.36 -12.36 -10.53
N ILE A 648 -9.12 -11.60 -9.74
CA ILE A 648 -9.68 -10.31 -10.24
C ILE A 648 -8.70 -9.18 -10.04
N TYR A 649 -7.97 -9.18 -8.93
CA TYR A 649 -7.11 -8.05 -8.58
C TYR A 649 -5.72 -8.54 -8.19
N ALA A 650 -4.68 -7.87 -8.65
CA ALA A 650 -3.31 -8.08 -8.09
C ALA A 650 -2.61 -6.74 -8.17
N PRO A 651 -1.58 -6.55 -7.34
CA PRO A 651 -0.77 -5.36 -7.54
C PRO A 651 -0.17 -5.38 -8.93
N SER A 652 -0.13 -4.22 -9.57
CA SER A 652 0.51 -4.13 -10.90
C SER A 652 1.94 -4.66 -10.93
N SER A 653 2.29 -5.47 -11.94
CA SER A 653 3.69 -5.94 -12.08
C SER A 653 4.66 -4.80 -12.37
N HIS A 654 4.13 -3.64 -12.75
CA HIS A 654 4.93 -2.43 -13.05
C HIS A 654 4.92 -1.42 -11.94
N ASN A 655 4.04 -1.60 -10.94
CA ASN A 655 3.88 -0.58 -9.90
C ASN A 655 3.11 -1.22 -8.75
N LYS A 656 3.81 -1.65 -7.70
CA LYS A 656 3.15 -2.36 -6.60
C LYS A 656 2.01 -1.54 -5.95
N TYR A 657 2.04 -0.20 -6.07
CA TYR A 657 0.99 0.60 -5.40
C TYR A 657 -0.35 0.54 -6.15
N ALA A 658 -0.31 0.30 -7.47
CA ALA A 658 -1.52 0.32 -8.29
C ALA A 658 -2.17 -1.06 -8.32
N GLY A 659 -3.51 -1.13 -8.27
CA GLY A 659 -4.15 -2.42 -8.54
C GLY A 659 -4.31 -2.62 -10.03
N GLU A 660 -4.25 -3.88 -10.48
CA GLU A 660 -4.54 -4.23 -11.88
C GLU A 660 -5.74 -5.20 -11.82
N SER A 661 -6.71 -5.03 -12.73
CA SER A 661 -7.82 -5.97 -12.85
C SER A 661 -7.51 -7.07 -13.87
N PHE A 662 -8.09 -8.26 -13.67
CA PHE A 662 -7.74 -9.50 -14.45
C PHE A 662 -6.24 -9.56 -14.74
N PRO A 663 -5.43 -9.53 -13.68
CA PRO A 663 -3.98 -9.41 -13.82
C PRO A 663 -3.33 -10.53 -14.61
N GLY A 664 -3.88 -11.75 -14.54
CA GLY A 664 -3.28 -12.87 -15.28
C GLY A 664 -3.38 -12.59 -16.80
N ILE A 665 -4.55 -12.12 -17.26
CA ILE A 665 -4.74 -11.82 -18.69
C ILE A 665 -3.94 -10.55 -19.06
N TYR A 666 -3.95 -9.54 -18.17
CA TYR A 666 -3.26 -8.30 -18.46
C TYR A 666 -1.78 -8.56 -18.67
N ASP A 667 -1.15 -9.30 -17.76
CA ASP A 667 0.29 -9.56 -17.91
C ASP A 667 0.59 -10.46 -19.13
N ALA A 668 -0.31 -11.40 -19.45
CA ALA A 668 -0.11 -12.22 -20.67
C ALA A 668 -0.12 -11.33 -21.96
N LEU A 669 -0.93 -10.28 -21.94
CA LEU A 669 -1.07 -9.37 -23.11
C LEU A 669 0.00 -8.27 -23.16
N PHE A 670 0.63 -7.98 -22.03
CA PHE A 670 1.51 -6.81 -21.95
C PHE A 670 2.72 -6.98 -22.86
N ASP A 671 2.91 -6.02 -23.76
CA ASP A 671 4.05 -5.97 -24.70
C ASP A 671 4.09 -7.26 -25.54
N ILE A 672 2.92 -7.85 -25.83
CA ILE A 672 2.88 -9.14 -26.50
C ILE A 672 3.50 -9.09 -27.90
N GLU A 673 3.40 -7.93 -28.57
CA GLU A 673 3.92 -7.72 -29.94
C GLU A 673 5.44 -7.87 -30.03
N SER A 674 6.11 -7.85 -28.87
CA SER A 674 7.57 -8.05 -28.79
C SER A 674 8.00 -9.49 -28.47
N LYS A 675 7.05 -10.41 -28.24
CA LYS A 675 7.41 -11.80 -27.90
C LYS A 675 7.88 -12.55 -29.16
N VAL A 676 8.92 -13.37 -29.04
CA VAL A 676 9.51 -14.01 -30.24
C VAL A 676 8.67 -15.17 -30.75
N ASP A 677 7.90 -15.80 -29.86
CA ASP A 677 7.03 -16.92 -30.25
C ASP A 677 5.56 -16.54 -30.01
N PRO A 678 4.91 -15.88 -30.99
CA PRO A 678 3.52 -15.42 -30.86
C PRO A 678 2.52 -16.56 -30.57
N SER A 679 2.71 -17.75 -31.14
CA SER A 679 1.76 -18.84 -30.87
C SER A 679 1.75 -19.20 -29.38
N LYS A 680 2.95 -19.27 -28.79
CA LYS A 680 3.12 -19.54 -27.39
C LYS A 680 2.53 -18.38 -26.56
N ALA A 681 2.81 -17.14 -26.96
CA ALA A 681 2.36 -15.98 -26.18
C ALA A 681 0.81 -15.92 -26.16
N TRP A 682 0.19 -16.06 -27.34
CA TRP A 682 -1.28 -16.03 -27.42
C TRP A 682 -1.92 -17.26 -26.79
N GLY A 683 -1.23 -18.42 -26.82
CA GLY A 683 -1.67 -19.60 -26.05
C GLY A 683 -1.81 -19.28 -24.58
N GLU A 684 -0.86 -18.51 -24.05
CA GLU A 684 -0.93 -18.16 -22.64
C GLU A 684 -2.04 -17.13 -22.37
N VAL A 685 -2.30 -16.21 -23.31
CA VAL A 685 -3.47 -15.34 -23.16
C VAL A 685 -4.75 -16.19 -23.05
N LYS A 686 -4.90 -17.16 -23.93
CA LYS A 686 -6.08 -18.04 -23.90
C LYS A 686 -6.16 -18.83 -22.57
N ARG A 687 -5.02 -19.30 -22.07
CA ARG A 687 -5.05 -20.01 -20.80
C ARG A 687 -5.56 -19.08 -19.69
N GLN A 688 -5.09 -17.83 -19.68
CA GLN A 688 -5.52 -16.89 -18.63
C GLN A 688 -7.00 -16.51 -18.76
N ILE A 689 -7.51 -16.46 -20.00
CA ILE A 689 -8.95 -16.20 -20.16
C ILE A 689 -9.75 -17.36 -19.54
N TYR A 690 -9.35 -18.60 -19.82
CA TYR A 690 -10.00 -19.79 -19.21
C TYR A 690 -9.95 -19.75 -17.70
N VAL A 691 -8.79 -19.45 -17.13
CA VAL A 691 -8.70 -19.35 -15.66
C VAL A 691 -9.64 -18.27 -15.08
N ALA A 692 -9.67 -17.12 -15.73
CA ALA A 692 -10.52 -16.03 -15.27
C ALA A 692 -11.99 -16.41 -15.42
N ALA A 693 -12.35 -16.92 -16.59
CA ALA A 693 -13.78 -17.28 -16.81
C ALA A 693 -14.23 -18.37 -15.81
N PHE A 694 -13.38 -19.39 -15.64
CA PHE A 694 -13.68 -20.43 -14.64
C PHE A 694 -13.85 -19.85 -13.25
N THR A 695 -12.97 -18.94 -12.84
CA THR A 695 -13.00 -18.45 -11.44
C THR A 695 -14.22 -17.61 -11.23
N VAL A 696 -14.56 -16.75 -12.21
CA VAL A 696 -15.79 -15.93 -12.10
C VAL A 696 -17.05 -16.81 -11.99
N GLN A 697 -17.13 -17.83 -12.83
CA GLN A 697 -18.28 -18.76 -12.76
C GLN A 697 -18.31 -19.51 -11.43
N ALA A 698 -17.14 -19.94 -10.95
CA ALA A 698 -17.07 -20.66 -9.66
C ALA A 698 -17.51 -19.76 -8.52
N ALA A 699 -17.07 -18.47 -8.56
CA ALA A 699 -17.49 -17.50 -7.53
C ALA A 699 -19.03 -17.31 -7.61
N ALA A 700 -19.56 -17.16 -8.82
CA ALA A 700 -21.01 -17.02 -9.02
C ALA A 700 -21.76 -18.19 -8.37
N GLU A 701 -21.26 -19.43 -8.63
CA GLU A 701 -21.94 -20.62 -8.12
C GLU A 701 -21.97 -20.72 -6.60
N THR A 702 -21.07 -20.04 -5.89
CA THR A 702 -21.15 -19.99 -4.42
C THR A 702 -22.36 -19.20 -3.91
N LEU A 703 -22.98 -18.40 -4.79
CA LEU A 703 -24.19 -17.64 -4.48
C LEU A 703 -25.44 -18.33 -4.92
N SER A 704 -25.31 -19.40 -5.70
CA SER A 704 -26.51 -20.23 -6.02
C SER A 704 -27.13 -20.81 -4.76
N GLU A 705 -28.41 -21.25 -4.86
CA GLU A 705 -28.97 -22.08 -3.78
C GLU A 705 -28.06 -23.28 -3.48
N VAL A 706 -27.89 -23.56 -2.19
CA VAL A 706 -26.79 -24.43 -1.75
C VAL A 706 -27.06 -25.92 -1.99
N ALA A 707 -28.34 -26.26 -2.23
CA ALA A 707 -28.75 -27.65 -2.49
C ALA A 707 -30.17 -27.60 -3.01
#